data_4QHP
#
_entry.id   4QHP
#
_cell.length_a   223.760
_cell.length_b   223.760
_cell.length_c   57.876
_cell.angle_alpha   90.00
_cell.angle_beta   90.00
_cell.angle_gamma   120.00
#
_symmetry.space_group_name_H-M   'H 3'
#
loop_
_entity.id
_entity.type
_entity.pdbx_description
1 polymer 'Aminopeptidase N'
2 non-polymer '(2S)-2-[4-(aminomethyl)benzyl]-3-[(R)-[(1R)-1-amino-3-phenylpropyl](hydroxy)phosphoryl]propanoic acid'
3 non-polymer '(2R)-2-[4-(aminomethyl)benzyl]-3-[(R)-[(1R)-1-amino-3-phenylpropyl](hydroxy)phosphoryl]propanoic acid'
4 non-polymer IMIDAZOLE
5 non-polymer GLYCEROL
6 non-polymer 'ZINC ION'
7 non-polymer 'SULFATE ION'
8 water water
#
_entity_poly.entity_id   1
_entity_poly.type   'polypeptide(L)'
_entity_poly.pdbx_seq_one_letter_code
;SNA(MSE)SKTVHYLKDYQTPAYHILKTDLHFDINEPQTVVKSRLTVEPQRVGEPLVLDGSAKLLSVKINGAAADYVLEG
ETLTIAGVPSERFTVEVETEILPAENKSL(MSE)GLYASGGNLFTQCEPEGFRKITFYIDRPDV(MSE)SKFTTTIVADK
KRYPVLLSNGNKIDGGEFSDGRHWVKWEDPFSKPSYLFALVAGDLAVTEDYFTT(MSE)SGRNVKIEFYTTEADKPKVGF
AVESLKNA(MSE)KWDETRFGLEYDLDIF(MSE)VVAVGDFN(MSE)GA(MSE)ENKGLNIFNTKFVLADSRTATDTDFE
GIESVVGHEYFHNWTGNRVTCRDWFQLSLKEGLTVFRDQEFSGDRASRAVRRIENIRLLRQHQFPEDAGPTAHPVRPASY
EE(MSE)NNFYT(MSE)TVYEKGAEVVR(MSE)YHTLLGEEGFQKG(MSE)KLYFQRHDGQAVTCDDFRAA(MSE)ADAN
GINLDQFALWYSQAGTPVLEAEGRLKNNIFELTVKQTVPPTPD(MSE)TDKQP(MSE)(MSE)IPVKVGLLNRNGEAVAF
DYQGKRATEAVLLLTEAEQTFLLEGVTEAVVPSLLRGFSAPVHLNYPYSDDDLLLLLAHDSDAFTRWEAAQTLYRRAVAA
NLATLSDGVELPKHEKLLAAVEKVISDDLLDNAFKALLLGVPSEAELWDGAENIDPLRYHQAREALLDTLAVHFLPKWHE
LNRQAAKQENQSYEYSPEAAGWRTLRNVCRAFVLRADPAHIETVAEKYGE(MSE)AQN(MSE)THEWGILSAVNGNESDT
RNRLLAQFADKFSDDALV(MSE)DKYFALVGSSRRSDTLQQVRTALQHPKFSLENPNKARSLIGSFSRNVPHFHAEDGSG
YRFIADKVIEIDRFNPQVAARLVQAFNLCNKLEPHRKNLVKQALQRIRAQEGLSKDVGEIVGKILD
;
_entity_poly.pdbx_strand_id   A
#
loop_
_chem_comp.id
_chem_comp.type
_chem_comp.name
_chem_comp.formula
32Q non-polymer '(2S)-2-[4-(aminomethyl)benzyl]-3-[(R)-[(1R)-1-amino-3-phenylpropyl](hydroxy)phosphoryl]propanoic acid' 'C20 H27 N2 O4 P'
32R non-polymer '(2R)-2-[4-(aminomethyl)benzyl]-3-[(R)-[(1R)-1-amino-3-phenylpropyl](hydroxy)phosphoryl]propanoic acid' 'C20 H27 N2 O4 P'
GOL non-polymer GLYCEROL 'C3 H8 O3'
IMD non-polymer IMIDAZOLE 'C3 H5 N2 1'
SO4 non-polymer 'SULFATE ION' 'O4 S -2'
ZN non-polymer 'ZINC ION' 'Zn 2'
#
# COMPACT_ATOMS: atom_id res chain seq x y z
N SER A 5 31.56 -5.94 8.83
CA SER A 5 31.05 -5.79 7.47
C SER A 5 29.67 -6.44 7.32
N LYS A 6 28.63 -5.60 7.39
CA LYS A 6 27.26 -6.04 7.16
C LYS A 6 27.08 -6.49 5.71
N THR A 7 26.13 -7.39 5.48
CA THR A 7 25.84 -7.81 4.11
C THR A 7 24.91 -6.81 3.42
N VAL A 8 25.42 -6.23 2.33
CA VAL A 8 24.62 -5.46 1.40
C VAL A 8 24.51 -6.27 0.12
N HIS A 9 23.31 -6.26 -0.47
CA HIS A 9 23.04 -6.94 -1.72
C HIS A 9 22.99 -5.92 -2.81
N TYR A 10 23.73 -6.13 -3.90
CA TYR A 10 23.79 -5.18 -5.00
C TYR A 10 23.26 -5.75 -6.30
N LEU A 11 22.43 -4.98 -6.98
CA LEU A 11 21.87 -5.38 -8.25
C LEU A 11 22.95 -5.60 -9.29
N LYS A 12 24.02 -4.81 -9.24
CA LYS A 12 25.11 -5.01 -10.18
C LYS A 12 25.81 -6.36 -10.05
N ASP A 13 25.65 -7.02 -8.90
CA ASP A 13 26.28 -8.31 -8.63
C ASP A 13 25.42 -9.52 -9.07
N TYR A 14 24.27 -9.27 -9.68
CA TYR A 14 23.40 -10.38 -10.09
C TYR A 14 24.14 -11.39 -10.98
N GLN A 15 23.96 -12.67 -10.65
CA GLN A 15 24.46 -13.77 -11.47
C GLN A 15 23.41 -14.87 -11.49
N THR A 16 23.24 -15.52 -12.63
CA THR A 16 22.27 -16.60 -12.73
C THR A 16 22.68 -17.70 -11.75
N PRO A 17 21.71 -18.49 -11.27
CA PRO A 17 22.05 -19.48 -10.25
C PRO A 17 22.89 -20.63 -10.79
N ALA A 18 23.77 -21.17 -9.95
CA ALA A 18 24.60 -22.32 -10.32
C ALA A 18 23.78 -23.58 -10.47
N TYR A 19 22.65 -23.63 -9.73
CA TYR A 19 21.74 -24.79 -9.78
C TYR A 19 20.31 -24.38 -10.03
N HIS A 20 19.61 -25.19 -10.79
CA HIS A 20 18.15 -25.12 -10.86
C HIS A 20 17.53 -26.24 -10.04
N ILE A 21 16.29 -26.02 -9.63
CA ILE A 21 15.48 -27.02 -8.96
C ILE A 21 14.30 -27.28 -9.87
N LEU A 22 14.22 -28.51 -10.40
CA LEU A 22 13.19 -28.83 -11.36
C LEU A 22 11.89 -29.29 -10.68
N LYS A 23 12.04 -30.02 -9.60
CA LYS A 23 10.92 -30.58 -8.87
C LYS A 23 11.17 -30.41 -7.37
N THR A 24 10.12 -30.04 -6.67
CA THR A 24 10.15 -29.84 -5.23
C THR A 24 9.02 -30.65 -4.68
N ASP A 25 9.36 -31.73 -3.99
CA ASP A 25 8.36 -32.59 -3.36
C ASP A 25 8.47 -32.33 -1.87
N LEU A 26 7.37 -31.96 -1.23
CA LEU A 26 7.35 -31.64 0.20
C LEU A 26 6.41 -32.53 0.98
N HIS A 27 6.75 -32.79 2.24
CA HIS A 27 5.91 -33.56 3.14
C HIS A 27 5.90 -32.88 4.51
N PHE A 28 4.71 -32.50 4.97
CA PHE A 28 4.53 -31.84 6.27
C PHE A 28 3.83 -32.79 7.21
N ASP A 29 4.49 -33.12 8.32
CA ASP A 29 3.88 -33.94 9.37
C ASP A 29 3.61 -33.04 10.56
N ILE A 30 2.36 -32.62 10.69
CA ILE A 30 1.98 -31.66 11.72
C ILE A 30 1.60 -32.38 13.03
N ASN A 31 2.31 -32.04 14.11
CA ASN A 31 2.07 -32.60 15.44
C ASN A 31 1.97 -31.47 16.46
N GLU A 32 1.87 -31.83 17.74
CA GLU A 32 1.86 -30.85 18.80
CA GLU A 32 1.87 -30.86 18.80
C GLU A 32 3.08 -31.10 19.69
N PRO A 33 4.00 -30.14 19.75
CA PRO A 33 4.01 -28.81 19.15
C PRO A 33 4.70 -28.72 17.79
N GLN A 34 5.41 -29.76 17.37
CA GLN A 34 6.33 -29.59 16.24
C GLN A 34 5.71 -30.07 14.92
N THR A 35 6.17 -29.44 13.85
CA THR A 35 5.93 -29.87 12.49
C THR A 35 7.28 -30.27 11.90
N VAL A 36 7.32 -31.44 11.30
CA VAL A 36 8.50 -31.95 10.60
C VAL A 36 8.25 -31.85 9.12
N VAL A 37 9.17 -31.19 8.45
CA VAL A 37 9.13 -31.02 7.02
C VAL A 37 10.21 -31.88 6.36
N LYS A 38 9.81 -32.69 5.39
CA LYS A 38 10.72 -33.43 4.55
C LYS A 38 10.61 -32.95 3.12
N SER A 39 11.75 -32.82 2.47
CA SER A 39 11.78 -32.43 1.08
C SER A 39 12.52 -33.46 0.22
N ARG A 40 12.18 -33.46 -1.07
CA ARG A 40 12.94 -34.13 -2.11
C ARG A 40 13.09 -33.11 -3.20
N LEU A 41 14.31 -32.66 -3.43
CA LEU A 41 14.57 -31.66 -4.45
C LEU A 41 15.26 -32.34 -5.61
N THR A 42 14.74 -32.13 -6.82
CA THR A 42 15.39 -32.61 -8.04
C THR A 42 16.18 -31.46 -8.63
N VAL A 43 17.50 -31.58 -8.51
CA VAL A 43 18.43 -30.49 -8.76
C VAL A 43 19.19 -30.69 -10.08
N GLU A 44 19.22 -29.63 -10.88
CA GLU A 44 19.83 -29.65 -12.22
C GLU A 44 21.03 -28.69 -12.27
N PRO A 45 22.27 -29.23 -12.37
CA PRO A 45 23.44 -28.34 -12.46
C PRO A 45 23.37 -27.39 -13.63
N GLN A 46 23.69 -26.12 -13.38
CA GLN A 46 23.84 -25.13 -14.43
C GLN A 46 25.33 -24.86 -14.62
N ARG A 47 26.03 -24.65 -13.51
CA ARG A 47 27.49 -24.52 -13.52
C ARG A 47 28.03 -25.70 -12.76
N VAL A 48 28.32 -26.75 -13.51
CA VAL A 48 28.72 -28.04 -12.98
C VAL A 48 29.91 -27.88 -12.08
N GLY A 49 29.89 -28.54 -10.94
CA GLY A 49 31.04 -28.54 -10.06
C GLY A 49 31.06 -27.49 -8.96
N GLU A 50 30.16 -26.51 -9.02
CA GLU A 50 30.10 -25.53 -7.96
C GLU A 50 29.51 -26.17 -6.72
N PRO A 51 29.80 -25.60 -5.54
CA PRO A 51 29.12 -26.14 -4.37
C PRO A 51 27.64 -25.84 -4.43
N LEU A 52 26.85 -26.75 -3.90
CA LEU A 52 25.42 -26.50 -3.74
C LEU A 52 25.23 -25.69 -2.47
N VAL A 53 24.64 -24.51 -2.60
CA VAL A 53 24.41 -23.64 -1.45
C VAL A 53 22.90 -23.45 -1.26
N LEU A 54 22.43 -23.86 -0.09
CA LEU A 54 21.02 -23.78 0.24
C LEU A 54 20.83 -22.78 1.36
N ASP A 55 19.84 -21.92 1.23
CA ASP A 55 19.42 -20.99 2.28
C ASP A 55 18.50 -21.69 3.30
N GLY A 56 18.67 -21.46 4.59
CA GLY A 56 17.75 -22.03 5.55
C GLY A 56 17.99 -21.62 6.97
N SER A 57 16.92 -21.46 7.74
CA SER A 57 17.07 -21.11 9.15
C SER A 57 16.26 -22.02 10.10
N ALA A 58 15.58 -23.02 9.57
CA ALA A 58 14.82 -23.94 10.41
C ALA A 58 15.78 -24.91 11.05
N LYS A 59 15.36 -25.52 12.15
CA LYS A 59 16.16 -26.58 12.77
C LYS A 59 16.38 -27.74 11.83
N LEU A 60 17.64 -28.12 11.63
CA LEU A 60 18.01 -29.13 10.67
C LEU A 60 18.15 -30.49 11.33
N LEU A 61 17.45 -31.50 10.82
CA LEU A 61 17.49 -32.84 11.40
C LEU A 61 18.34 -33.77 10.54
N SER A 62 18.29 -33.61 9.22
CA SER A 62 19.11 -34.43 8.34
C SER A 62 19.15 -33.90 6.90
N VAL A 63 20.21 -34.27 6.20
CA VAL A 63 20.33 -33.90 4.81
C VAL A 63 20.99 -35.03 4.03
N LYS A 64 20.38 -35.38 2.91
CA LYS A 64 20.88 -36.47 2.06
C LYS A 64 21.09 -35.98 0.65
N ILE A 65 22.06 -36.59 -0.04
CA ILE A 65 22.28 -36.43 -1.46
CA ILE A 65 22.15 -36.43 -1.46
C ILE A 65 22.14 -37.81 -2.10
N ASN A 66 21.21 -37.97 -3.03
CA ASN A 66 20.87 -39.31 -3.56
C ASN A 66 20.70 -40.40 -2.50
N GLY A 67 19.98 -40.11 -1.43
CA GLY A 67 19.66 -41.12 -0.43
C GLY A 67 20.71 -41.37 0.62
N ALA A 68 21.92 -40.86 0.41
CA ALA A 68 22.97 -41.07 1.39
C ALA A 68 23.20 -39.79 2.20
N ALA A 69 23.47 -39.95 3.49
CA ALA A 69 23.81 -38.83 4.37
C ALA A 69 24.86 -37.95 3.71
N ALA A 70 24.55 -36.66 3.63
CA ALA A 70 25.42 -35.73 2.91
C ALA A 70 26.55 -35.29 3.79
N ASP A 71 27.69 -35.02 3.16
CA ASP A 71 28.76 -34.29 3.81
C ASP A 71 28.61 -32.81 3.54
N TYR A 72 28.26 -32.06 4.57
CA TYR A 72 27.83 -30.68 4.42
C TYR A 72 28.38 -29.86 5.55
N VAL A 73 28.26 -28.54 5.44
CA VAL A 73 28.49 -27.66 6.59
C VAL A 73 27.34 -26.65 6.65
N LEU A 74 26.88 -26.43 7.87
CA LEU A 74 25.87 -25.42 8.16
C LEU A 74 26.53 -24.27 8.88
N GLU A 75 26.47 -23.09 8.27
CA GLU A 75 27.08 -21.88 8.80
C GLU A 75 26.09 -20.74 8.61
N GLY A 76 25.71 -20.12 9.73
CA GLY A 76 24.70 -19.09 9.71
C GLY A 76 23.44 -19.71 9.13
N GLU A 77 22.92 -19.08 8.08
CA GLU A 77 21.68 -19.52 7.45
C GLU A 77 21.94 -20.13 6.09
N THR A 78 23.10 -20.75 5.96
CA THR A 78 23.45 -21.42 4.71
C THR A 78 24.00 -22.81 4.94
N LEU A 79 23.53 -23.70 4.08
CA LEU A 79 23.91 -25.09 4.06
CA LEU A 79 23.96 -25.09 4.09
C LEU A 79 24.70 -25.34 2.79
N THR A 80 25.92 -25.85 2.88
CA THR A 80 26.74 -26.03 1.69
C THR A 80 27.16 -27.49 1.55
N ILE A 81 27.02 -28.03 0.34
CA ILE A 81 27.53 -29.36 -0.01
C ILE A 81 28.53 -29.22 -1.15
N ALA A 82 29.79 -29.59 -0.90
CA ALA A 82 30.87 -29.42 -1.88
C ALA A 82 30.91 -30.52 -2.90
N GLY A 83 30.52 -31.71 -2.49
CA GLY A 83 30.67 -32.86 -3.35
C GLY A 83 29.32 -33.05 -3.97
N VAL A 84 29.10 -32.53 -5.17
CA VAL A 84 27.83 -32.84 -5.82
C VAL A 84 28.00 -33.40 -7.20
N PRO A 85 27.04 -34.24 -7.59
CA PRO A 85 27.15 -34.85 -8.91
C PRO A 85 27.18 -33.83 -10.02
N SER A 86 27.69 -34.25 -11.15
CA SER A 86 27.71 -33.47 -12.38
C SER A 86 26.45 -33.57 -13.24
N GLU A 87 25.50 -34.41 -12.84
CA GLU A 87 24.24 -34.55 -13.57
C GLU A 87 23.12 -34.49 -12.55
N ARG A 88 21.88 -34.61 -13.01
CA ARG A 88 20.72 -34.57 -12.11
C ARG A 88 20.88 -35.39 -10.87
N PHE A 89 20.51 -34.79 -9.74
CA PHE A 89 20.65 -35.48 -8.48
C PHE A 89 19.56 -35.01 -7.58
N THR A 90 19.37 -35.71 -6.47
CA THR A 90 18.37 -35.30 -5.53
C THR A 90 19.01 -34.89 -4.22
N VAL A 91 18.33 -33.98 -3.54
CA VAL A 91 18.66 -33.59 -2.19
C VAL A 91 17.42 -33.78 -1.35
N GLU A 92 17.60 -34.39 -0.18
CA GLU A 92 16.51 -34.55 0.78
C GLU A 92 16.84 -33.90 2.09
N VAL A 93 15.98 -32.98 2.54
CA VAL A 93 16.22 -32.21 3.76
C VAL A 93 15.10 -32.43 4.73
N GLU A 94 15.45 -32.63 5.98
CA GLU A 94 14.48 -32.79 7.04
C GLU A 94 14.66 -31.67 8.04
N THR A 95 13.60 -30.89 8.31
CA THR A 95 13.67 -29.81 9.27
C THR A 95 12.51 -29.94 10.26
N GLU A 96 12.65 -29.21 11.36
CA GLU A 96 11.64 -29.18 12.40
C GLU A 96 11.30 -27.77 12.78
N ILE A 97 10.01 -27.49 12.87
CA ILE A 97 9.51 -26.15 13.17
C ILE A 97 8.54 -26.18 14.34
N LEU A 98 8.60 -25.13 15.16
CA LEU A 98 7.62 -24.90 16.23
C LEU A 98 6.77 -23.70 15.86
N PRO A 99 5.69 -23.92 15.12
CA PRO A 99 4.99 -22.76 14.54
C PRO A 99 4.37 -21.83 15.57
N ALA A 100 4.04 -22.36 16.74
CA ALA A 100 3.41 -21.51 17.75
C ALA A 100 4.42 -20.57 18.41
N GLU A 101 5.71 -20.81 18.20
CA GLU A 101 6.74 -19.90 18.70
C GLU A 101 7.09 -18.82 17.66
N ASN A 102 6.48 -18.91 16.49
CA ASN A 102 6.82 -18.01 15.40
C ASN A 102 5.94 -16.78 15.42
N LYS A 103 6.39 -15.75 16.13
CA LYS A 103 5.70 -14.48 16.21
C LYS A 103 6.15 -13.49 15.12
N SER A 104 7.09 -13.89 14.24
CA SER A 104 7.49 -13.03 13.12
C SER A 104 6.45 -13.01 12.00
N LEU A 105 5.61 -14.03 11.98
CA LEU A 105 4.60 -14.24 10.94
C LEU A 105 5.22 -14.35 9.55
N MSE A 106 6.42 -14.93 9.50
CA MSE A 106 7.12 -15.22 8.27
CA MSE A 106 7.11 -15.23 8.25
C MSE A 106 7.54 -16.67 8.35
O MSE A 106 8.03 -17.12 9.40
CB MSE A 106 8.36 -14.34 8.09
CB MSE A 106 8.33 -14.32 8.02
CG MSE A 106 8.06 -12.87 8.04
CG MSE A 106 9.10 -14.57 6.71
SE MSE A 106 7.00 -12.47 6.45
SE MSE A 106 8.35 -13.83 5.04
CE MSE A 106 8.31 -12.94 5.15
CE MSE A 106 7.18 -12.50 5.81
H MSE A 106 6.86 -15.16 10.21
H MSE A 106 6.86 -15.16 10.21
HA MSE A 106 6.53 -15.10 7.51
HA MSE A 106 6.50 -15.12 7.51
HB2 MSE A 106 8.97 -14.50 8.82
HB2 MSE A 106 8.02 -13.40 8.01
HB3 MSE A 106 8.79 -14.58 7.25
HB3 MSE A 106 8.96 -14.45 8.75
HG2 MSE A 106 7.56 -12.62 8.83
HG2 MSE A 106 9.99 -14.19 6.80
HG3 MSE A 106 8.90 -12.37 7.99
HG3 MSE A 106 9.18 -15.53 6.58
HE1 MSE A 106 7.94 -12.80 4.27
HE1 MSE A 106 6.72 -12.04 5.09
HE2 MSE A 106 9.09 -12.38 5.28
HE2 MSE A 106 6.53 -12.95 6.38
HE3 MSE A 106 8.55 -13.87 5.27
HE3 MSE A 106 7.71 -11.87 6.32
N GLY A 107 7.33 -17.42 7.29
CA GLY A 107 7.55 -18.84 7.36
C GLY A 107 6.26 -19.52 7.74
N LEU A 108 6.34 -20.58 8.54
CA LEU A 108 5.17 -21.34 8.98
C LEU A 108 4.87 -20.94 10.40
N TYR A 109 3.64 -20.49 10.63
CA TYR A 109 3.27 -19.94 11.94
C TYR A 109 1.85 -20.22 12.35
N ALA A 110 1.61 -20.12 13.64
CA ALA A 110 0.27 -20.32 14.18
C ALA A 110 -0.49 -19.02 14.35
N SER A 111 -1.80 -19.10 14.12
CA SER A 111 -2.70 -17.98 14.30
C SER A 111 -4.07 -18.55 14.56
N GLY A 112 -4.72 -18.14 15.65
CA GLY A 112 -6.06 -18.62 15.94
C GLY A 112 -6.20 -20.12 16.03
N GLY A 113 -5.12 -20.80 16.43
CA GLY A 113 -5.11 -22.23 16.57
C GLY A 113 -4.93 -22.97 15.26
N ASN A 114 -4.78 -22.21 14.19
CA ASN A 114 -4.54 -22.78 12.85
C ASN A 114 -3.13 -22.47 12.40
N LEU A 115 -2.71 -23.08 11.29
CA LEU A 115 -1.37 -22.89 10.74
C LEU A 115 -1.45 -22.24 9.36
N PHE A 116 -0.57 -21.27 9.15
CA PHE A 116 -0.50 -20.49 7.92
C PHE A 116 0.95 -20.31 7.53
N THR A 117 1.17 -19.92 6.26
CA THR A 117 2.49 -19.52 5.81
C THR A 117 2.49 -18.14 5.23
N GLN A 118 3.67 -17.53 5.28
CA GLN A 118 3.98 -16.35 4.49
C GLN A 118 5.42 -16.49 4.02
N CYS A 119 5.61 -16.57 2.72
CA CYS A 119 6.94 -16.81 2.18
C CYS A 119 7.56 -15.63 1.44
N GLU A 120 6.77 -14.65 0.97
CA GLU A 120 7.40 -13.54 0.26
C GLU A 120 7.98 -12.54 1.23
N PRO A 121 9.24 -12.08 1.01
CA PRO A 121 10.18 -12.50 -0.05
C PRO A 121 10.99 -13.77 0.25
N GLU A 122 11.47 -13.92 1.49
CA GLU A 122 12.49 -14.94 1.81
C GLU A 122 12.07 -15.74 3.05
N GLY A 123 10.77 -16.04 3.15
CA GLY A 123 10.24 -16.83 4.24
C GLY A 123 10.30 -18.34 4.02
N PHE A 124 10.37 -18.78 2.76
CA PHE A 124 10.36 -20.23 2.50
C PHE A 124 11.59 -20.88 3.15
N ARG A 125 12.72 -20.16 3.20
CA ARG A 125 13.92 -20.70 3.84
C ARG A 125 13.74 -20.89 5.34
N LYS A 126 12.69 -20.31 5.93
CA LYS A 126 12.36 -20.57 7.33
CA LYS A 126 12.37 -20.57 7.33
C LYS A 126 11.60 -21.89 7.52
N ILE A 127 11.25 -22.53 6.42
CA ILE A 127 10.51 -23.80 6.44
C ILE A 127 11.43 -24.97 6.09
N THR A 128 12.21 -24.80 5.02
CA THR A 128 13.20 -25.83 4.63
C THR A 128 14.41 -25.16 3.99
N PHE A 129 15.44 -25.96 3.73
CA PHE A 129 16.65 -25.44 3.10
C PHE A 129 16.46 -25.49 1.59
N TYR A 130 16.72 -24.38 0.91
CA TYR A 130 16.27 -24.24 -0.46
C TYR A 130 17.06 -23.18 -1.18
N ILE A 131 16.96 -23.14 -2.51
CA ILE A 131 17.57 -22.03 -3.26
C ILE A 131 16.48 -20.96 -3.37
N ASP A 132 16.40 -20.14 -2.32
CA ASP A 132 15.22 -19.30 -2.06
C ASP A 132 15.35 -17.94 -2.71
N ARG A 133 15.27 -17.94 -4.05
CA ARG A 133 15.42 -16.76 -4.87
C ARG A 133 14.50 -16.95 -6.08
N PRO A 134 13.91 -15.86 -6.58
CA PRO A 134 12.74 -16.04 -7.44
C PRO A 134 13.07 -16.44 -8.87
N ASP A 135 14.33 -16.40 -9.25
CA ASP A 135 14.70 -16.88 -10.58
C ASP A 135 14.87 -18.40 -10.63
N VAL A 136 14.71 -19.05 -9.49
CA VAL A 136 14.70 -20.52 -9.40
C VAL A 136 13.23 -20.94 -9.30
N MSE A 137 12.73 -21.54 -10.37
CA MSE A 137 11.34 -21.92 -10.46
C MSE A 137 11.26 -23.44 -10.59
O MSE A 137 11.97 -24.03 -11.41
CB MSE A 137 10.70 -21.22 -11.67
CG MSE A 137 10.84 -19.69 -11.71
SE MSE A 137 10.24 -18.92 -13.39
CE MSE A 137 8.37 -19.38 -12.98
H MSE A 137 13.20 -21.75 -11.07
HA MSE A 137 10.88 -21.64 -9.67
HB2 MSE A 137 11.11 -21.57 -12.47
HB3 MSE A 137 9.75 -21.42 -11.67
HG2 MSE A 137 10.31 -19.31 -10.99
HG3 MSE A 137 11.77 -19.46 -11.58
HE1 MSE A 137 7.81 -19.09 -13.71
HE2 MSE A 137 8.30 -20.34 -12.88
HE3 MSE A 137 8.12 -18.93 -12.16
N SER A 138 10.36 -24.03 -9.81
CA SER A 138 10.25 -25.46 -9.66
C SER A 138 8.79 -25.92 -9.63
N LYS A 139 8.56 -27.17 -9.96
CA LYS A 139 7.22 -27.74 -9.87
C LYS A 139 7.03 -28.43 -8.52
N PHE A 140 6.09 -27.87 -7.75
CA PHE A 140 5.83 -28.30 -6.36
C PHE A 140 4.73 -29.34 -6.24
N THR A 141 4.98 -30.38 -5.44
CA THR A 141 3.95 -31.29 -4.96
C THR A 141 4.10 -31.39 -3.44
N THR A 142 2.98 -31.20 -2.75
CA THR A 142 2.95 -31.05 -1.32
C THR A 142 1.98 -32.01 -0.66
N THR A 143 2.54 -32.88 0.21
CA THR A 143 1.77 -33.78 1.06
C THR A 143 1.70 -33.25 2.48
N ILE A 144 0.51 -33.28 3.05
CA ILE A 144 0.27 -32.76 4.41
C ILE A 144 -0.44 -33.82 5.23
N VAL A 145 0.08 -34.10 6.42
CA VAL A 145 -0.48 -35.09 7.35
C VAL A 145 -0.74 -34.41 8.70
N ALA A 146 -1.95 -34.57 9.25
CA ALA A 146 -2.32 -33.94 10.50
C ALA A 146 -3.50 -34.63 11.16
N ASP A 147 -3.70 -34.35 12.45
CA ASP A 147 -4.90 -34.78 13.13
C ASP A 147 -6.14 -34.25 12.43
N LYS A 148 -7.09 -35.12 12.13
CA LYS A 148 -8.28 -34.73 11.38
C LYS A 148 -9.22 -33.83 12.14
N LYS A 149 -9.43 -34.09 13.42
CA LYS A 149 -10.35 -33.24 14.17
C LYS A 149 -9.78 -31.85 14.40
N ARG A 150 -8.47 -31.74 14.65
CA ARG A 150 -7.86 -30.45 14.90
C ARG A 150 -7.57 -29.67 13.61
N TYR A 151 -7.20 -30.40 12.57
CA TYR A 151 -6.84 -29.79 11.28
C TYR A 151 -7.60 -30.46 10.13
N PRO A 152 -8.93 -30.26 10.08
CA PRO A 152 -9.72 -30.92 9.04
C PRO A 152 -9.47 -30.34 7.65
N VAL A 153 -9.00 -29.09 7.59
CA VAL A 153 -8.75 -28.41 6.32
C VAL A 153 -7.23 -28.33 6.10
N LEU A 154 -6.77 -28.96 5.02
CA LEU A 154 -5.35 -29.01 4.68
C LEU A 154 -5.11 -28.60 3.25
N LEU A 155 -4.54 -27.43 3.05
CA LEU A 155 -4.46 -26.80 1.75
C LEU A 155 -3.04 -26.47 1.36
N SER A 156 -2.73 -26.58 0.07
CA SER A 156 -1.50 -26.00 -0.49
C SER A 156 -1.81 -25.62 -1.94
N ASN A 157 -0.84 -25.07 -2.65
CA ASN A 157 -1.07 -24.60 -4.02
C ASN A 157 -1.50 -25.71 -4.95
N GLY A 158 -2.39 -25.33 -5.87
CA GLY A 158 -2.68 -26.15 -7.04
C GLY A 158 -3.90 -27.04 -6.91
N ASN A 159 -3.74 -28.25 -7.43
CA ASN A 159 -4.78 -29.26 -7.52
C ASN A 159 -4.64 -30.33 -6.46
N LYS A 160 -5.75 -30.67 -5.80
CA LYS A 160 -5.71 -31.77 -4.84
C LYS A 160 -5.81 -33.07 -5.62
N ILE A 161 -4.75 -33.87 -5.61
CA ILE A 161 -4.71 -35.06 -6.44
C ILE A 161 -4.84 -36.38 -5.65
N ASP A 162 -4.73 -36.34 -4.33
CA ASP A 162 -4.90 -37.54 -3.51
C ASP A 162 -5.10 -37.17 -2.06
N GLY A 163 -5.52 -38.17 -1.29
CA GLY A 163 -5.69 -37.99 0.14
C GLY A 163 -6.28 -39.24 0.74
N GLY A 164 -6.34 -39.28 2.06
CA GLY A 164 -6.89 -40.43 2.74
C GLY A 164 -6.83 -40.30 4.23
N GLU A 165 -7.15 -41.40 4.89
CA GLU A 165 -7.27 -41.46 6.34
C GLU A 165 -6.28 -42.46 6.89
N PHE A 166 -5.85 -42.21 8.12
CA PHE A 166 -5.10 -43.19 8.92
C PHE A 166 -5.94 -43.60 10.16
N SER A 167 -5.78 -44.83 10.66
CA SER A 167 -6.64 -45.33 11.75
C SER A 167 -6.43 -44.66 13.11
N ASP A 168 -5.34 -43.90 13.26
CA ASP A 168 -5.04 -43.19 14.50
C ASP A 168 -5.69 -41.80 14.61
N GLY A 169 -6.54 -41.46 13.66
CA GLY A 169 -7.23 -40.18 13.70
C GLY A 169 -6.58 -39.13 12.82
N ARG A 170 -5.46 -39.45 12.21
CA ARG A 170 -4.81 -38.52 11.30
CA ARG A 170 -4.80 -38.54 11.28
C ARG A 170 -5.38 -38.68 9.90
N HIS A 171 -5.23 -37.65 9.07
CA HIS A 171 -5.55 -37.75 7.66
C HIS A 171 -4.49 -37.01 6.88
N TRP A 172 -4.54 -37.18 5.56
CA TRP A 172 -3.56 -36.56 4.69
C TRP A 172 -4.16 -36.14 3.35
N VAL A 173 -3.46 -35.20 2.73
CA VAL A 173 -3.79 -34.70 1.41
CA VAL A 173 -3.80 -34.69 1.41
C VAL A 173 -2.51 -34.50 0.59
N LYS A 174 -2.65 -34.52 -0.73
CA LYS A 174 -1.54 -34.26 -1.63
C LYS A 174 -2.00 -33.29 -2.70
N TRP A 175 -1.25 -32.19 -2.80
CA TRP A 175 -1.52 -31.08 -3.71
C TRP A 175 -0.43 -30.99 -4.76
N GLU A 176 -0.82 -30.93 -6.03
CA GLU A 176 0.12 -30.76 -7.13
C GLU A 176 -0.13 -29.43 -7.82
N ASP A 177 0.90 -28.57 -7.87
CA ASP A 177 0.79 -27.31 -8.61
C ASP A 177 1.62 -27.46 -9.88
N PRO A 178 0.96 -27.59 -11.02
CA PRO A 178 1.70 -27.96 -12.24
C PRO A 178 2.50 -26.83 -12.87
N PHE A 179 2.26 -25.60 -12.42
N PHE A 179 2.31 -25.59 -12.42
CA PHE A 179 3.03 -24.44 -12.89
CA PHE A 179 3.09 -24.48 -13.01
C PHE A 179 4.35 -24.33 -12.11
C PHE A 179 4.32 -24.19 -12.17
N SER A 180 5.48 -24.26 -12.82
CA SER A 180 6.76 -24.02 -12.12
C SER A 180 6.75 -22.65 -11.50
N LYS A 181 7.17 -22.56 -10.25
CA LYS A 181 7.09 -21.32 -9.54
C LYS A 181 8.30 -21.12 -8.63
N PRO A 182 8.59 -19.85 -8.32
CA PRO A 182 9.54 -19.52 -7.27
C PRO A 182 8.99 -19.85 -5.90
N SER A 183 9.91 -20.07 -4.96
CA SER A 183 9.54 -20.47 -3.62
C SER A 183 8.68 -19.43 -2.90
N TYR A 184 8.80 -18.14 -3.27
CA TYR A 184 8.03 -17.13 -2.50
C TYR A 184 6.51 -17.28 -2.71
N LEU A 185 6.09 -18.04 -3.72
CA LEU A 185 4.65 -18.27 -3.97
C LEU A 185 4.10 -19.56 -3.36
N PHE A 186 4.93 -20.28 -2.62
CA PHE A 186 4.46 -21.42 -1.87
C PHE A 186 3.51 -20.99 -0.74
N ALA A 187 2.44 -21.76 -0.56
CA ALA A 187 1.62 -21.60 0.64
C ALA A 187 1.10 -22.94 1.18
N LEU A 188 0.86 -22.92 2.49
CA LEU A 188 0.19 -24.03 3.18
C LEU A 188 -0.71 -23.47 4.23
N VAL A 189 -1.89 -24.06 4.36
CA VAL A 189 -2.81 -23.76 5.46
C VAL A 189 -3.29 -25.07 6.06
N ALA A 190 -3.33 -25.14 7.40
CA ALA A 190 -3.89 -26.30 8.09
C ALA A 190 -4.76 -25.75 9.19
N GLY A 191 -6.03 -26.12 9.23
CA GLY A 191 -6.86 -25.54 10.27
C GLY A 191 -8.25 -26.11 10.34
N ASP A 192 -8.97 -25.62 11.35
CA ASP A 192 -10.40 -25.82 11.46
C ASP A 192 -11.00 -24.52 10.95
N LEU A 193 -11.34 -24.49 9.65
CA LEU A 193 -11.87 -23.30 8.98
C LEU A 193 -13.20 -23.63 8.29
N ALA A 194 -14.08 -22.64 8.19
CA ALA A 194 -15.33 -22.74 7.45
C ALA A 194 -15.07 -22.35 5.99
N VAL A 195 -15.83 -22.90 5.07
CA VAL A 195 -15.66 -22.58 3.66
C VAL A 195 -16.93 -21.95 3.07
N THR A 196 -16.72 -20.96 2.19
CA THR A 196 -17.77 -20.36 1.40
C THR A 196 -17.42 -20.67 -0.06
N GLU A 197 -18.35 -21.28 -0.77
CA GLU A 197 -18.12 -21.80 -2.12
C GLU A 197 -18.87 -21.00 -3.14
N ASP A 198 -18.25 -20.81 -4.29
CA ASP A 198 -18.87 -20.13 -5.41
C ASP A 198 -18.15 -20.60 -6.66
N TYR A 199 -18.41 -19.96 -7.79
CA TYR A 199 -17.66 -20.29 -9.00
C TYR A 199 -17.72 -19.18 -10.01
N PHE A 200 -16.80 -19.24 -10.99
CA PHE A 200 -16.74 -18.32 -12.10
C PHE A 200 -16.52 -19.16 -13.34
N THR A 201 -17.15 -18.84 -14.46
CA THR A 201 -16.87 -19.54 -15.71
C THR A 201 -16.07 -18.63 -16.63
N THR A 202 -14.91 -19.12 -17.06
CA THR A 202 -14.01 -18.32 -17.86
C THR A 202 -14.60 -18.13 -19.25
N MSE A 203 -14.00 -17.22 -20.01
CA MSE A 203 -14.60 -16.92 -21.29
C MSE A 203 -14.38 -18.10 -22.25
O MSE A 203 -15.03 -18.16 -23.29
CB MSE A 203 -14.06 -15.62 -21.85
CG MSE A 203 -12.64 -15.62 -22.08
SE MSE A 203 -12.17 -13.80 -22.81
CE MSE A 203 -10.37 -14.05 -22.36
H MSE A 203 -13.28 -16.80 -19.81
HA MSE A 203 -15.55 -16.82 -21.16
HB2 MSE A 203 -14.50 -15.44 -22.69
HB3 MSE A 203 -14.25 -14.91 -21.21
HG2 MSE A 203 -12.15 -15.76 -21.26
HG3 MSE A 203 -12.42 -16.29 -22.74
HE1 MSE A 203 -9.87 -13.27 -22.62
HE2 MSE A 203 -10.31 -14.19 -21.40
HE3 MSE A 203 -10.04 -14.83 -22.84
N SER A 204 -13.52 -19.06 -21.90
CA SER A 204 -13.34 -20.27 -22.73
CA SER A 204 -13.36 -20.25 -22.74
C SER A 204 -14.33 -21.36 -22.33
N GLY A 205 -15.13 -21.11 -21.29
CA GLY A 205 -16.18 -22.04 -20.89
C GLY A 205 -15.83 -22.97 -19.74
N ARG A 206 -14.75 -22.68 -19.04
CA ARG A 206 -14.32 -23.54 -17.94
C ARG A 206 -14.71 -22.96 -16.60
N ASN A 207 -15.37 -23.78 -15.79
CA ASN A 207 -15.73 -23.40 -14.44
C ASN A 207 -14.47 -23.34 -13.60
N VAL A 208 -14.40 -22.32 -12.76
CA VAL A 208 -13.41 -22.23 -11.69
C VAL A 208 -14.12 -22.29 -10.36
N LYS A 209 -13.81 -23.30 -9.57
CA LYS A 209 -14.38 -23.41 -8.22
C LYS A 209 -13.69 -22.37 -7.34
N ILE A 210 -14.48 -21.53 -6.67
CA ILE A 210 -13.99 -20.53 -5.73
C ILE A 210 -14.30 -20.99 -4.31
N GLU A 211 -13.28 -20.96 -3.44
CA GLU A 211 -13.41 -21.32 -2.03
C GLU A 211 -12.76 -20.25 -1.16
N PHE A 212 -13.55 -19.61 -0.30
CA PHE A 212 -13.02 -18.72 0.73
C PHE A 212 -13.10 -19.40 2.09
N TYR A 213 -11.97 -19.42 2.80
CA TYR A 213 -11.87 -20.04 4.11
C TYR A 213 -11.72 -18.96 5.18
N THR A 214 -12.60 -19.05 6.17
CA THR A 214 -12.62 -18.10 7.29
C THR A 214 -12.92 -18.86 8.58
N THR A 215 -12.86 -18.19 9.72
CA THR A 215 -13.42 -18.81 10.92
C THR A 215 -14.93 -18.97 10.70
N GLU A 216 -15.51 -19.89 11.47
CA GLU A 216 -16.94 -20.09 11.44
C GLU A 216 -17.69 -18.78 11.74
N ALA A 217 -17.21 -18.04 12.72
CA ALA A 217 -17.88 -16.79 13.08
C ALA A 217 -17.75 -15.70 12.03
N ASP A 218 -16.65 -15.71 11.28
CA ASP A 218 -16.37 -14.70 10.26
C ASP A 218 -17.07 -14.97 8.91
N LYS A 219 -17.58 -16.17 8.68
CA LYS A 219 -18.09 -16.54 7.36
C LYS A 219 -19.18 -15.59 6.84
N PRO A 220 -20.08 -15.13 7.71
CA PRO A 220 -21.14 -14.22 7.22
C PRO A 220 -20.64 -12.89 6.68
N LYS A 221 -19.35 -12.58 6.88
CA LYS A 221 -18.78 -11.31 6.42
C LYS A 221 -17.94 -11.44 5.13
N VAL A 222 -17.92 -12.59 4.47
CA VAL A 222 -17.00 -12.80 3.33
C VAL A 222 -17.66 -12.59 1.98
N GLY A 223 -18.97 -12.35 1.94
CA GLY A 223 -19.67 -12.33 0.67
C GLY A 223 -19.27 -11.23 -0.30
N PHE A 224 -18.95 -10.06 0.22
CA PHE A 224 -18.55 -8.97 -0.67
C PHE A 224 -17.19 -9.28 -1.35
N ALA A 225 -16.29 -9.93 -0.62
CA ALA A 225 -15.00 -10.35 -1.19
C ALA A 225 -15.21 -11.34 -2.31
N VAL A 226 -16.12 -12.30 -2.14
CA VAL A 226 -16.38 -13.27 -3.20
C VAL A 226 -16.90 -12.57 -4.43
N GLU A 227 -17.86 -11.67 -4.26
CA GLU A 227 -18.39 -10.92 -5.39
C GLU A 227 -17.30 -10.09 -6.08
N SER A 228 -16.42 -9.51 -5.27
CA SER A 228 -15.33 -8.70 -5.81
C SER A 228 -14.37 -9.54 -6.65
N LEU A 229 -14.08 -10.76 -6.20
CA LEU A 229 -13.23 -11.67 -6.98
C LEU A 229 -13.84 -11.96 -8.33
N LYS A 230 -15.12 -12.31 -8.34
CA LYS A 230 -15.80 -12.61 -9.60
C LYS A 230 -15.77 -11.39 -10.53
N ASN A 231 -15.95 -10.20 -9.95
CA ASN A 231 -15.81 -8.96 -10.74
C ASN A 231 -14.39 -8.80 -11.30
N ALA A 232 -13.39 -9.08 -10.47
CA ALA A 232 -11.99 -8.94 -10.90
C ALA A 232 -11.64 -9.98 -12.01
N MSE A 233 -12.18 -11.19 -11.90
CA MSE A 233 -11.92 -12.22 -12.91
C MSE A 233 -12.51 -11.82 -14.22
O MSE A 233 -11.87 -11.93 -15.28
CB MSE A 233 -12.47 -13.56 -12.45
CG MSE A 233 -11.68 -14.12 -11.28
SE MSE A 233 -12.36 -15.81 -10.62
CE MSE A 233 -11.50 -16.91 -11.92
H MSE A 233 -12.71 -11.44 -11.26
HA MSE A 233 -10.96 -12.32 -13.01
HB2 MSE A 233 -13.40 -13.45 -12.16
HB3 MSE A 233 -12.43 -14.20 -13.18
HG2 MSE A 233 -10.76 -14.26 -11.56
HG3 MSE A 233 -11.71 -13.49 -10.55
HE1 MSE A 233 -11.74 -17.84 -11.74
HE2 MSE A 233 -11.81 -16.66 -12.80
HE3 MSE A 233 -10.54 -16.80 -11.84
N LYS A 234 -13.73 -11.31 -14.18
CA LYS A 234 -14.37 -10.87 -15.43
C LYS A 234 -13.63 -9.68 -16.03
N TRP A 235 -13.22 -8.73 -15.19
CA TRP A 235 -12.52 -7.56 -15.67
C TRP A 235 -11.18 -7.88 -16.33
N ASP A 236 -10.40 -8.80 -15.75
CA ASP A 236 -9.12 -9.11 -16.36
C ASP A 236 -9.37 -9.71 -17.75
N GLU A 237 -10.49 -10.42 -17.93
CA GLU A 237 -10.82 -10.95 -19.25
C GLU A 237 -11.20 -9.82 -20.21
N THR A 238 -12.08 -8.94 -19.77
CA THR A 238 -12.59 -7.93 -20.71
C THR A 238 -11.59 -6.80 -21.00
N ARG A 239 -10.81 -6.39 -20.00
CA ARG A 239 -9.88 -5.28 -20.16
C ARG A 239 -8.51 -5.75 -20.67
N PHE A 240 -7.99 -6.86 -20.16
CA PHE A 240 -6.65 -7.33 -20.55
C PHE A 240 -6.64 -8.62 -21.37
N GLY A 241 -7.78 -9.28 -21.59
CA GLY A 241 -7.74 -10.54 -22.31
C GLY A 241 -7.11 -11.69 -21.54
N LEU A 242 -7.08 -11.60 -20.20
CA LEU A 242 -6.41 -12.58 -19.36
C LEU A 242 -7.40 -13.51 -18.64
N GLU A 243 -7.18 -14.80 -18.80
CA GLU A 243 -7.99 -15.84 -18.19
C GLU A 243 -7.27 -16.58 -17.09
N TYR A 244 -8.02 -17.01 -16.09
CA TYR A 244 -7.45 -17.84 -15.03
C TYR A 244 -7.03 -19.20 -15.61
N ASP A 245 -6.14 -19.91 -14.89
CA ASP A 245 -5.47 -21.07 -15.47
C ASP A 245 -5.52 -22.36 -14.64
N LEU A 246 -6.35 -22.38 -13.61
CA LEU A 246 -6.65 -23.58 -12.84
C LEU A 246 -8.15 -23.68 -12.66
N ASP A 247 -8.64 -24.84 -12.27
CA ASP A 247 -10.08 -24.97 -12.02
C ASP A 247 -10.46 -24.72 -10.54
N ILE A 248 -9.52 -24.18 -9.76
CA ILE A 248 -9.68 -23.93 -8.32
C ILE A 248 -8.97 -22.64 -7.97
N PHE A 249 -9.64 -21.79 -7.19
CA PHE A 249 -9.03 -20.58 -6.68
C PHE A 249 -9.47 -20.47 -5.22
N MSE A 250 -8.49 -20.52 -4.32
CA MSE A 250 -8.74 -20.50 -2.87
C MSE A 250 -8.24 -19.19 -2.29
O MSE A 250 -7.19 -18.69 -2.67
CB MSE A 250 -8.04 -21.69 -2.19
CG MSE A 250 -8.61 -23.02 -2.54
SE MSE A 250 -7.61 -24.47 -1.82
CE MSE A 250 -6.15 -24.47 -3.08
H MSE A 250 -7.66 -20.58 -4.53
HA MSE A 250 -9.69 -20.58 -2.71
HB2 MSE A 250 -7.10 -21.68 -2.45
HB3 MSE A 250 -8.10 -21.58 -1.23
HG2 MSE A 250 -9.51 -23.08 -2.19
HG3 MSE A 250 -8.61 -23.12 -3.50
HE1 MSE A 250 -5.53 -25.17 -2.85
HE2 MSE A 250 -6.51 -24.62 -3.97
HE3 MSE A 250 -5.71 -23.60 -3.04
N VAL A 251 -9.00 -18.66 -1.32
CA VAL A 251 -8.62 -17.51 -0.53
C VAL A 251 -8.83 -17.85 0.94
N VAL A 252 -7.85 -17.57 1.76
CA VAL A 252 -7.86 -17.87 3.18
C VAL A 252 -7.64 -16.58 3.98
N ALA A 253 -8.54 -16.31 4.90
CA ALA A 253 -8.41 -15.16 5.79
C ALA A 253 -7.60 -15.51 7.03
N VAL A 254 -6.75 -14.59 7.47
CA VAL A 254 -5.95 -14.80 8.68
C VAL A 254 -5.83 -13.47 9.45
N GLY A 255 -6.02 -13.54 10.77
CA GLY A 255 -6.10 -12.33 11.57
C GLY A 255 -4.73 -11.80 12.00
N ASP A 256 -3.73 -12.66 11.95
CA ASP A 256 -2.35 -12.28 12.23
C ASP A 256 -1.57 -12.28 10.93
N PHE A 257 -1.25 -11.11 10.40
CA PHE A 257 -0.62 -11.01 9.08
C PHE A 257 0.11 -9.68 8.96
N ASN A 258 1.31 -9.72 8.38
CA ASN A 258 2.18 -8.55 8.33
C ASN A 258 1.64 -7.45 7.44
N MSE A 259 1.16 -7.84 6.25
CA MSE A 259 0.69 -6.90 5.27
C MSE A 259 -0.77 -7.11 4.98
O MSE A 259 -1.50 -7.64 5.83
CB MSE A 259 1.49 -7.07 3.98
CG MSE A 259 2.99 -6.99 4.25
SE MSE A 259 3.66 -5.21 3.73
CE MSE A 259 4.53 -5.74 2.05
N GLY A 260 -1.21 -6.71 3.78
CA GLY A 260 -2.62 -6.81 3.42
C GLY A 260 -3.07 -8.17 2.93
N ALA A 261 -2.30 -8.75 2.02
CA ALA A 261 -2.66 -10.01 1.39
C ALA A 261 -1.46 -10.54 0.62
N MSE A 262 -1.61 -11.72 0.04
CA MSE A 262 -0.50 -12.43 -0.64
C MSE A 262 -1.02 -13.33 -1.76
O MSE A 262 -1.96 -14.12 -1.56
CB MSE A 262 0.30 -13.23 0.39
CG MSE A 262 1.46 -14.01 -0.21
SE MSE A 262 2.77 -12.77 -0.99
CE MSE A 262 3.33 -13.87 -2.46
H MSE A 262 -2.36 -12.15 0.02
HA MSE A 262 0.10 -11.77 -1.03
HB2 MSE A 262 0.67 -12.63 1.05
HB3 MSE A 262 -0.28 -13.87 0.82
HG2 MSE A 262 1.90 -14.53 0.48
HG3 MSE A 262 1.13 -14.59 -0.92
HE1 MSE A 262 4.01 -13.39 -2.98
HE2 MSE A 262 3.71 -14.69 -2.12
HE3 MSE A 262 2.57 -14.06 -3.02
N GLU A 263 -0.41 -13.19 -2.93
CA GLU A 263 -0.89 -13.81 -4.15
C GLU A 263 -0.45 -15.24 -4.39
N ASN A 264 -0.23 -16.04 -3.33
CA ASN A 264 0.29 -17.40 -3.57
C ASN A 264 -0.57 -18.13 -4.59
N LYS A 265 0.08 -18.82 -5.54
CA LYS A 265 -0.62 -19.38 -6.70
C LYS A 265 -1.79 -20.26 -6.31
N GLY A 266 -2.99 -19.85 -6.68
CA GLY A 266 -4.20 -20.60 -6.40
C GLY A 266 -4.63 -20.71 -4.94
N LEU A 267 -3.89 -20.05 -4.06
CA LEU A 267 -4.13 -20.13 -2.62
C LEU A 267 -3.73 -18.82 -1.99
N ASN A 268 -4.50 -17.77 -2.24
CA ASN A 268 -4.17 -16.47 -1.73
C ASN A 268 -4.47 -16.42 -0.23
N ILE A 269 -3.62 -15.72 0.52
CA ILE A 269 -3.82 -15.58 1.96
C ILE A 269 -3.98 -14.08 2.23
N PHE A 270 -5.07 -13.72 2.91
CA PHE A 270 -5.50 -12.35 3.13
C PHE A 270 -5.54 -12.00 4.61
N ASN A 271 -5.06 -10.81 4.95
CA ASN A 271 -5.43 -10.18 6.21
C ASN A 271 -6.97 -10.09 6.25
N THR A 272 -7.56 -10.44 7.40
CA THR A 272 -9.00 -10.28 7.59
C THR A 272 -9.49 -8.90 7.18
N LYS A 273 -8.67 -7.89 7.39
CA LYS A 273 -9.06 -6.51 7.09
C LYS A 273 -9.46 -6.34 5.61
N PHE A 274 -8.86 -7.14 4.73
CA PHE A 274 -9.12 -7.02 3.31
C PHE A 274 -9.95 -8.14 2.72
N VAL A 275 -10.70 -8.84 3.57
CA VAL A 275 -11.67 -9.79 3.07
C VAL A 275 -13.01 -9.78 3.83
N LEU A 276 -13.09 -9.21 5.03
CA LEU A 276 -14.32 -9.30 5.84
C LEU A 276 -15.02 -7.96 5.95
N ALA A 277 -16.30 -7.95 5.67
CA ALA A 277 -17.12 -6.73 5.76
C ALA A 277 -18.59 -7.06 5.85
N ASP A 278 -19.29 -6.31 6.68
CA ASP A 278 -20.71 -6.10 6.47
C ASP A 278 -21.02 -4.63 6.86
N SER A 279 -22.21 -4.14 6.57
CA SER A 279 -22.48 -2.70 6.77
C SER A 279 -22.46 -2.35 8.27
N ARG A 280 -22.82 -3.30 9.12
CA ARG A 280 -22.83 -3.05 10.55
C ARG A 280 -21.44 -2.81 11.15
N THR A 281 -20.42 -3.46 10.58
CA THR A 281 -19.10 -3.43 11.19
C THR A 281 -17.96 -2.90 10.31
N ALA A 282 -18.22 -2.58 9.05
CA ALA A 282 -17.18 -2.10 8.13
C ALA A 282 -17.64 -0.81 7.48
N THR A 283 -16.71 0.11 7.27
CA THR A 283 -17.01 1.35 6.58
C THR A 283 -17.02 1.17 5.07
N ASP A 284 -17.61 2.13 4.37
CA ASP A 284 -17.55 2.14 2.90
C ASP A 284 -16.10 2.01 2.40
N THR A 285 -15.17 2.73 3.04
CA THR A 285 -13.75 2.70 2.68
C THR A 285 -13.20 1.29 2.83
N ASP A 286 -13.65 0.61 3.88
CA ASP A 286 -13.26 -0.79 4.09
C ASP A 286 -13.74 -1.69 2.91
N PHE A 287 -14.98 -1.52 2.48
CA PHE A 287 -15.52 -2.24 1.32
C PHE A 287 -14.67 -1.94 0.10
N GLU A 288 -14.33 -0.66 -0.11
CA GLU A 288 -13.53 -0.28 -1.28
C GLU A 288 -12.17 -0.94 -1.22
N GLY A 289 -11.63 -1.04 0.00
CA GLY A 289 -10.35 -1.69 0.19
C GLY A 289 -10.39 -3.18 -0.15
N ILE A 290 -11.47 -3.87 0.24
CA ILE A 290 -11.60 -5.29 -0.09
C ILE A 290 -11.62 -5.45 -1.61
N GLU A 291 -12.39 -4.60 -2.29
CA GLU A 291 -12.49 -4.68 -3.71
C GLU A 291 -11.12 -4.50 -4.36
N SER A 292 -10.37 -3.49 -3.90
CA SER A 292 -9.04 -3.19 -4.42
C SER A 292 -8.06 -4.32 -4.21
N VAL A 293 -8.02 -4.84 -2.99
CA VAL A 293 -7.00 -5.86 -2.63
C VAL A 293 -7.35 -7.26 -3.18
N VAL A 294 -8.63 -7.63 -3.19
CA VAL A 294 -9.03 -8.87 -3.82
C VAL A 294 -8.64 -8.79 -5.30
N GLY A 295 -8.93 -7.65 -5.94
CA GLY A 295 -8.51 -7.47 -7.32
C GLY A 295 -6.99 -7.60 -7.46
N HIS A 296 -6.26 -6.81 -6.69
CA HIS A 296 -4.79 -6.84 -6.68
C HIS A 296 -4.22 -8.26 -6.66
N GLU A 297 -4.67 -9.09 -5.72
CA GLU A 297 -4.05 -10.40 -5.56
C GLU A 297 -4.42 -11.28 -6.75
N TYR A 298 -5.65 -11.16 -7.25
CA TYR A 298 -6.03 -11.94 -8.44
C TYR A 298 -5.22 -11.50 -9.68
N PHE A 299 -5.02 -10.19 -9.84
CA PHE A 299 -4.26 -9.66 -10.98
C PHE A 299 -2.82 -10.13 -10.98
N HIS A 300 -2.27 -10.40 -9.79
CA HIS A 300 -0.93 -10.97 -9.69
C HIS A 300 -0.83 -12.31 -10.38
N ASN A 301 -1.96 -13.01 -10.60
CA ASN A 301 -1.84 -14.33 -11.22
C ASN A 301 -1.08 -14.25 -12.53
N TRP A 302 -1.29 -13.17 -13.28
CA TRP A 302 -0.49 -12.92 -14.48
C TRP A 302 0.70 -12.01 -14.23
N THR A 303 0.49 -10.90 -13.53
CA THR A 303 1.57 -9.96 -13.31
C THR A 303 2.22 -10.20 -11.93
N GLY A 304 3.08 -11.22 -11.95
CA GLY A 304 3.76 -11.70 -10.76
C GLY A 304 3.95 -13.21 -10.73
N ASN A 305 2.91 -13.97 -11.08
CA ASN A 305 2.98 -15.42 -10.99
C ASN A 305 3.34 -16.02 -12.35
N ARG A 306 2.53 -15.80 -13.38
CA ARG A 306 2.86 -16.35 -14.70
C ARG A 306 4.17 -15.75 -15.22
N VAL A 307 4.35 -14.44 -15.01
CA VAL A 307 5.62 -13.77 -15.21
C VAL A 307 6.08 -13.22 -13.86
N THR A 308 7.23 -13.69 -13.39
CA THR A 308 7.69 -13.30 -12.06
C THR A 308 8.94 -12.42 -12.14
N CYS A 309 9.61 -12.24 -11.00
CA CYS A 309 10.78 -11.33 -10.87
C CYS A 309 12.09 -12.08 -10.88
N ARG A 310 13.07 -11.60 -11.67
CA ARG A 310 14.39 -12.21 -11.73
C ARG A 310 15.10 -12.15 -10.37
N ASP A 311 14.87 -11.06 -9.65
CA ASP A 311 15.54 -10.77 -8.39
C ASP A 311 14.67 -9.74 -7.66
N TRP A 312 14.92 -9.50 -6.38
CA TRP A 312 14.01 -8.67 -5.60
C TRP A 312 14.18 -7.19 -5.91
N PHE A 313 15.29 -6.80 -6.55
CA PHE A 313 15.41 -5.42 -6.98
C PHE A 313 14.30 -5.09 -7.97
N GLN A 314 13.81 -6.11 -8.69
CA GLN A 314 12.76 -5.90 -9.69
C GLN A 314 11.33 -5.91 -9.12
N LEU A 315 11.19 -5.79 -7.80
CA LEU A 315 9.87 -5.95 -7.15
C LEU A 315 8.79 -5.10 -7.84
N SER A 316 9.10 -3.86 -8.21
CA SER A 316 8.09 -3.02 -8.86
C SER A 316 7.57 -3.58 -10.21
N LEU A 317 8.33 -4.45 -10.87
CA LEU A 317 7.88 -5.12 -12.07
C LEU A 317 6.50 -5.76 -11.86
N LYS A 318 6.34 -6.41 -10.71
CA LYS A 318 5.04 -6.99 -10.37
C LYS A 318 4.21 -6.05 -9.54
N GLU A 319 4.80 -5.30 -8.60
CA GLU A 319 3.92 -4.50 -7.74
C GLU A 319 3.46 -3.19 -8.36
N GLY A 320 4.32 -2.44 -9.03
CA GLY A 320 3.84 -1.24 -9.72
C GLY A 320 2.78 -1.55 -10.75
N LEU A 321 3.01 -2.61 -11.51
CA LEU A 321 2.06 -3.00 -12.54
C LEU A 321 0.76 -3.54 -11.95
N THR A 322 0.83 -4.29 -10.84
CA THR A 322 -0.40 -4.87 -10.28
C THR A 322 -1.19 -3.79 -9.55
N VAL A 323 -0.50 -2.84 -8.90
CA VAL A 323 -1.21 -1.66 -8.39
C VAL A 323 -1.91 -0.87 -9.50
N PHE A 324 -1.23 -0.61 -10.62
CA PHE A 324 -1.89 0.05 -11.74
C PHE A 324 -3.16 -0.72 -12.11
N ARG A 325 -3.02 -2.03 -12.24
CA ARG A 325 -4.17 -2.88 -12.57
C ARG A 325 -5.31 -2.78 -11.52
N ASP A 326 -4.99 -2.79 -10.22
CA ASP A 326 -6.05 -2.72 -9.24
C ASP A 326 -6.69 -1.32 -9.27
N GLN A 327 -5.91 -0.29 -9.58
CA GLN A 327 -6.45 1.07 -9.68
C GLN A 327 -7.40 1.21 -10.85
N GLU A 328 -7.02 0.63 -11.98
CA GLU A 328 -7.83 0.66 -13.16
C GLU A 328 -9.12 -0.14 -12.97
N PHE A 329 -9.01 -1.28 -12.31
CA PHE A 329 -10.20 -2.08 -11.99
C PHE A 329 -11.17 -1.29 -11.13
N SER A 330 -10.65 -0.66 -10.08
CA SER A 330 -11.50 0.09 -9.17
C SER A 330 -12.12 1.27 -9.92
N GLY A 331 -11.34 1.89 -10.79
CA GLY A 331 -11.85 3.07 -11.52
C GLY A 331 -12.91 2.69 -12.54
N ASP A 332 -12.75 1.51 -13.12
CA ASP A 332 -13.73 1.01 -14.06
C ASP A 332 -15.03 0.62 -13.32
N ARG A 333 -14.91 0.16 -12.07
CA ARG A 333 -16.09 -0.20 -11.27
C ARG A 333 -16.98 1.02 -11.00
N ALA A 334 -16.35 2.13 -10.61
CA ALA A 334 -17.09 3.32 -10.23
C ALA A 334 -16.17 4.48 -9.96
N SER A 335 -16.69 5.70 -10.15
CA SER A 335 -16.13 6.91 -9.57
C SER A 335 -14.65 7.08 -9.95
N ARG A 336 -14.35 6.99 -11.24
CA ARG A 336 -12.96 6.96 -11.64
C ARG A 336 -12.17 8.21 -11.23
N ALA A 337 -12.74 9.40 -11.45
CA ALA A 337 -12.00 10.61 -11.17
C ALA A 337 -11.76 10.82 -9.68
N VAL A 338 -12.76 10.55 -8.86
CA VAL A 338 -12.58 10.70 -7.42
C VAL A 338 -11.52 9.71 -6.95
N ARG A 339 -11.57 8.49 -7.47
CA ARG A 339 -10.62 7.46 -7.03
C ARG A 339 -9.20 7.79 -7.48
N ARG A 340 -9.08 8.40 -8.65
CA ARG A 340 -7.77 8.84 -9.14
C ARG A 340 -7.19 9.89 -8.20
N ILE A 341 -8.01 10.85 -7.79
CA ILE A 341 -7.54 11.89 -6.87
C ILE A 341 -7.14 11.27 -5.54
N GLU A 342 -7.92 10.31 -5.05
CA GLU A 342 -7.55 9.65 -3.79
C GLU A 342 -6.15 9.03 -3.89
N ASN A 343 -5.86 8.40 -5.03
CA ASN A 343 -4.55 7.75 -5.27
C ASN A 343 -3.42 8.78 -5.32
N ILE A 344 -3.67 9.88 -6.01
CA ILE A 344 -2.71 10.99 -6.08
C ILE A 344 -2.42 11.56 -4.69
N ARG A 345 -3.49 11.79 -3.93
CA ARG A 345 -3.38 12.33 -2.57
C ARG A 345 -2.54 11.40 -1.70
N LEU A 346 -2.80 10.10 -1.79
CA LEU A 346 -2.00 9.13 -1.04
C LEU A 346 -0.53 9.20 -1.43
N LEU A 347 -0.24 9.26 -2.72
CA LEU A 347 1.14 9.37 -3.19
C LEU A 347 1.81 10.59 -2.60
N ARG A 348 1.15 11.74 -2.68
CA ARG A 348 1.79 12.98 -2.23
C ARG A 348 1.91 13.05 -0.74
N GLN A 349 1.01 12.41 -0.03
CA GLN A 349 1.06 12.46 1.42
C GLN A 349 2.07 11.49 2.02
N HIS A 350 2.32 10.38 1.35
CA HIS A 350 3.14 9.33 1.91
C HIS A 350 4.38 9.00 1.07
N GLN A 351 4.27 9.05 -0.25
CA GLN A 351 5.42 8.70 -1.07
C GLN A 351 6.35 9.90 -1.24
N PHE A 352 5.80 11.10 -1.39
CA PHE A 352 6.65 12.28 -1.59
C PHE A 352 7.55 12.50 -0.38
N PRO A 353 7.04 12.35 0.84
CA PRO A 353 7.98 12.46 1.96
C PRO A 353 9.07 11.39 1.96
N GLU A 354 8.78 10.20 1.48
CA GLU A 354 9.79 9.14 1.38
C GLU A 354 10.91 9.54 0.42
N ASP A 355 10.53 10.04 -0.75
CA ASP A 355 11.49 10.47 -1.77
C ASP A 355 12.28 11.71 -1.32
N ALA A 356 11.74 12.49 -0.37
CA ALA A 356 12.43 13.67 0.17
C ALA A 356 13.32 13.36 1.39
N GLY A 357 13.22 12.13 1.89
CA GLY A 357 13.78 11.76 3.16
C GLY A 357 14.97 10.83 3.08
N PRO A 358 15.45 10.37 4.23
CA PRO A 358 16.73 9.61 4.29
C PRO A 358 16.66 8.19 3.76
N THR A 359 15.44 7.68 3.56
CA THR A 359 15.28 6.32 3.06
C THR A 359 14.89 6.36 1.59
N ALA A 360 14.99 7.52 0.94
CA ALA A 360 14.63 7.62 -0.49
C ALA A 360 15.36 6.57 -1.32
N HIS A 361 14.66 5.98 -2.28
CA HIS A 361 15.26 4.97 -3.17
C HIS A 361 14.57 5.02 -4.53
N PRO A 362 15.26 4.55 -5.60
CA PRO A 362 14.58 4.43 -6.89
C PRO A 362 13.49 3.37 -6.87
N VAL A 363 12.59 3.45 -7.84
CA VAL A 363 11.56 2.45 -8.01
C VAL A 363 12.17 1.05 -8.13
N ARG A 364 13.32 0.94 -8.81
CA ARG A 364 14.15 -0.26 -8.81
C ARG A 364 15.45 0.02 -8.04
N PRO A 365 15.50 -0.37 -6.77
CA PRO A 365 16.68 -0.12 -5.95
C PRO A 365 17.94 -0.76 -6.50
N ALA A 366 19.08 -0.15 -6.22
CA ALA A 366 20.38 -0.65 -6.67
C ALA A 366 21.04 -1.51 -5.59
N SER A 367 20.58 -1.37 -4.34
CA SER A 367 21.08 -2.18 -3.23
C SER A 367 20.05 -2.23 -2.11
N TYR A 368 20.20 -3.24 -1.26
CA TYR A 368 19.41 -3.35 -0.03
C TYR A 368 20.16 -4.23 0.96
N GLU A 369 19.91 -4.00 2.25
CA GLU A 369 20.40 -4.90 3.29
C GLU A 369 19.32 -5.94 3.60
N GLU A 370 18.10 -5.45 3.83
CA GLU A 370 16.96 -6.33 4.12
C GLU A 370 15.84 -6.00 3.15
N MSE A 371 15.46 -6.97 2.31
CA MSE A 371 14.48 -6.70 1.28
C MSE A 371 13.13 -6.35 1.84
O MSE A 371 12.37 -5.61 1.21
CB MSE A 371 14.40 -7.90 0.34
CG MSE A 371 13.52 -7.67 -0.85
SE MSE A 371 14.10 -6.07 -1.90
CE MSE A 371 12.30 -5.77 -2.56
H MSE A 371 15.76 -7.77 2.32
HA MSE A 371 14.79 -5.95 0.75
HB2 MSE A 371 15.28 -8.12 0.03
HB3 MSE A 371 14.03 -8.66 0.83
HG2 MSE A 371 13.55 -8.43 -1.44
HG3 MSE A 371 12.60 -7.51 -0.56
HE1 MSE A 371 12.31 -4.98 -3.14
HE2 MSE A 371 12.01 -6.55 -3.05
HE3 MSE A 371 11.71 -5.62 -1.80
N ASN A 372 12.79 -6.80 3.04
CA ASN A 372 11.51 -6.42 3.55
C ASN A 372 11.34 -4.94 3.81
N ASN A 373 12.45 -4.21 3.76
CA ASN A 373 12.40 -2.74 3.93
C ASN A 373 12.01 -2.02 2.64
N PHE A 374 11.87 -2.75 1.54
CA PHE A 374 11.62 -2.13 0.23
C PHE A 374 10.25 -2.45 -0.35
N TYR A 375 9.33 -2.88 0.52
CA TYR A 375 7.89 -2.97 0.19
C TYR A 375 7.27 -1.62 0.48
N THR A 376 7.59 -0.63 -0.34
CA THR A 376 7.38 0.78 0.01
C THR A 376 6.40 1.50 -0.88
N MSE A 377 5.96 2.66 -0.42
CA MSE A 377 5.16 3.57 -1.24
C MSE A 377 5.83 3.88 -2.59
O MSE A 377 5.16 4.06 -3.62
CB MSE A 377 4.96 4.88 -0.49
CG MSE A 377 4.08 4.76 0.72
SE MSE A 377 2.22 4.59 0.24
CE MSE A 377 2.00 6.02 -1.04
H MSE A 377 6.09 2.94 0.38
HA MSE A 377 4.29 3.19 -1.41
HB2 MSE A 377 5.83 5.20 -0.20
HB3 MSE A 377 4.56 5.53 -1.09
HG2 MSE A 377 4.34 3.97 1.22
HG3 MSE A 377 4.19 5.55 1.27
HE1 MSE A 377 1.08 6.03 -1.35
HE2 MSE A 377 2.21 6.86 -0.60
HE3 MSE A 377 2.61 5.88 -1.78
N THR A 378 7.15 4.00 -2.57
CA THR A 378 7.91 4.22 -3.80
C THR A 378 7.75 3.03 -4.79
N VAL A 379 8.04 1.82 -4.34
CA VAL A 379 7.97 0.65 -5.23
C VAL A 379 6.54 0.41 -5.74
N TYR A 380 5.55 0.58 -4.86
CA TYR A 380 4.15 0.33 -5.19
C TYR A 380 3.48 1.51 -5.90
N GLU A 381 3.38 2.63 -5.21
CA GLU A 381 2.55 3.72 -5.69
C GLU A 381 3.26 4.59 -6.71
N LYS A 382 4.51 4.99 -6.47
CA LYS A 382 5.27 5.61 -7.56
C LYS A 382 5.46 4.61 -8.69
N GLY A 383 5.69 3.35 -8.36
CA GLY A 383 5.79 2.31 -9.38
C GLY A 383 4.57 2.28 -10.29
N ALA A 384 3.39 2.41 -9.72
CA ALA A 384 2.18 2.42 -10.50
C ALA A 384 2.09 3.69 -11.37
N GLU A 385 2.51 4.84 -10.85
CA GLU A 385 2.54 6.07 -11.67
C GLU A 385 3.45 5.90 -12.85
N VAL A 386 4.56 5.20 -12.67
CA VAL A 386 5.47 4.91 -13.78
C VAL A 386 4.79 4.04 -14.85
N VAL A 387 4.15 2.96 -14.43
CA VAL A 387 3.35 2.16 -15.38
C VAL A 387 2.29 3.02 -16.07
N ARG A 388 1.60 3.86 -15.32
CA ARG A 388 0.55 4.71 -15.88
C ARG A 388 1.09 5.69 -16.95
N MSE A 389 2.35 6.10 -16.83
CA MSE A 389 2.93 6.98 -17.85
C MSE A 389 3.09 6.22 -19.17
O MSE A 389 2.93 6.86 -20.21
CB MSE A 389 4.28 7.60 -17.43
CG MSE A 389 4.10 8.83 -16.54
SE MSE A 389 5.76 9.71 -16.07
CE MSE A 389 6.39 8.40 -14.75
H MSE A 389 2.89 5.89 -16.19
HA MSE A 389 2.32 7.71 -18.00
HB2 MSE A 389 4.79 6.94 -16.94
HB3 MSE A 389 4.77 7.87 -18.23
HG2 MSE A 389 3.55 9.48 -17.01
HG3 MSE A 389 3.67 8.56 -15.72
HE1 MSE A 389 7.25 8.69 -14.39
HE2 MSE A 389 5.74 8.33 -14.04
HE3 MSE A 389 6.50 7.54 -15.19
N TYR A 390 3.34 4.91 -19.16
CA TYR A 390 3.32 4.17 -20.43
C TYR A 390 1.95 4.32 -21.08
N HIS A 391 0.91 4.19 -20.26
CA HIS A 391 -0.49 4.29 -20.70
C HIS A 391 -0.79 5.69 -21.25
N THR A 392 -0.26 6.71 -20.60
CA THR A 392 -0.45 8.10 -21.01
C THR A 392 0.28 8.38 -22.35
N LEU A 393 1.47 7.83 -22.51
CA LEU A 393 2.26 8.02 -23.73
C LEU A 393 1.73 7.23 -24.91
N LEU A 394 1.19 6.04 -24.65
CA LEU A 394 0.87 5.07 -25.72
C LEU A 394 -0.61 4.92 -26.02
N GLY A 395 -1.46 5.33 -25.08
CA GLY A 395 -2.88 5.09 -25.16
C GLY A 395 -3.24 3.67 -24.75
N GLU A 396 -4.53 3.40 -24.50
CA GLU A 396 -4.93 2.07 -24.05
C GLU A 396 -4.55 1.00 -25.07
N GLU A 397 -4.80 1.24 -26.34
CA GLU A 397 -4.51 0.23 -27.36
C GLU A 397 -3.04 -0.08 -27.42
N GLY A 398 -2.20 0.94 -27.38
CA GLY A 398 -0.75 0.73 -27.43
C GLY A 398 -0.28 0.05 -26.15
N PHE A 399 -0.88 0.42 -25.02
CA PHE A 399 -0.51 -0.18 -23.76
C PHE A 399 -0.81 -1.68 -23.81
N GLN A 400 -1.98 -2.04 -24.34
CA GLN A 400 -2.31 -3.46 -24.44
C GLN A 400 -1.44 -4.20 -25.46
N LYS A 401 -0.92 -3.53 -26.49
CA LYS A 401 0.04 -4.18 -27.38
C LYS A 401 1.29 -4.55 -26.60
N GLY A 402 1.73 -3.64 -25.73
CA GLY A 402 2.88 -3.91 -24.88
C GLY A 402 2.62 -5.10 -23.96
N MSE A 403 1.46 -5.12 -23.33
CA MSE A 403 1.10 -6.21 -22.42
C MSE A 403 1.13 -7.54 -23.16
O MSE A 403 1.63 -8.53 -22.65
CB MSE A 403 -0.30 -6.01 -21.80
CG MSE A 403 -0.48 -4.79 -20.88
SE MSE A 403 0.67 -4.83 -19.30
CE MSE A 403 -0.01 -6.52 -18.64
H MSE A 403 0.86 -4.52 -23.39
HA MSE A 403 1.74 -6.24 -21.70
HB2 MSE A 403 -0.95 -5.92 -22.53
HB3 MSE A 403 -0.52 -6.80 -21.28
HG2 MSE A 403 -0.26 -3.99 -21.39
HG3 MSE A 403 -1.40 -4.76 -20.58
HE1 MSE A 403 0.44 -6.74 -17.82
HE2 MSE A 403 -0.96 -6.43 -18.49
HE3 MSE A 403 0.15 -7.20 -19.31
N LYS A 404 0.57 -7.55 -24.37
CA LYS A 404 0.51 -8.78 -25.15
C LYS A 404 1.91 -9.31 -25.46
N LEU A 405 2.80 -8.42 -25.89
CA LEU A 405 4.15 -8.84 -26.21
C LEU A 405 4.93 -9.26 -24.93
N TYR A 406 4.68 -8.56 -23.83
CA TYR A 406 5.27 -8.94 -22.55
C TYR A 406 4.98 -10.39 -22.19
N PHE A 407 3.73 -10.80 -22.28
CA PHE A 407 3.39 -12.19 -21.98
C PHE A 407 3.87 -13.17 -23.06
N GLN A 408 3.85 -12.75 -24.32
CA GLN A 408 4.37 -13.59 -25.40
C GLN A 408 5.83 -13.93 -25.16
N ARG A 409 6.61 -12.93 -24.78
CA ARG A 409 8.05 -13.13 -24.55
C ARG A 409 8.36 -13.85 -23.23
N HIS A 410 7.62 -13.52 -22.19
CA HIS A 410 8.11 -13.83 -20.84
C HIS A 410 7.21 -14.71 -19.97
N ASP A 411 6.10 -15.24 -20.49
CA ASP A 411 5.31 -16.21 -19.75
C ASP A 411 6.21 -17.34 -19.32
N GLY A 412 6.16 -17.66 -18.01
CA GLY A 412 6.98 -18.72 -17.47
C GLY A 412 8.40 -18.33 -17.10
N GLN A 413 8.72 -17.04 -17.21
CA GLN A 413 10.07 -16.57 -16.90
C GLN A 413 10.09 -15.64 -15.71
N ALA A 414 11.29 -15.39 -15.21
CA ALA A 414 11.56 -14.46 -14.11
C ALA A 414 12.39 -13.33 -14.70
N VAL A 415 11.78 -12.15 -14.86
CA VAL A 415 12.35 -11.12 -15.71
C VAL A 415 12.53 -9.77 -14.96
N THR A 416 12.87 -8.71 -15.69
CA THR A 416 13.28 -7.45 -15.06
C THR A 416 12.39 -6.29 -15.50
N CYS A 417 12.48 -5.18 -14.79
CA CYS A 417 11.83 -3.93 -15.20
C CYS A 417 12.20 -3.56 -16.65
N ASP A 418 13.47 -3.75 -17.00
CA ASP A 418 13.95 -3.46 -18.36
C ASP A 418 13.17 -4.24 -19.39
N ASP A 419 12.82 -5.48 -19.07
CA ASP A 419 12.08 -6.32 -20.03
C ASP A 419 10.65 -5.80 -20.24
N PHE A 420 10.01 -5.32 -19.20
CA PHE A 420 8.70 -4.72 -19.36
C PHE A 420 8.79 -3.47 -20.24
N ARG A 421 9.76 -2.61 -19.93
CA ARG A 421 9.98 -1.42 -20.73
C ARG A 421 10.22 -1.78 -22.20
N ALA A 422 11.05 -2.80 -22.45
CA ALA A 422 11.33 -3.19 -23.84
C ALA A 422 10.09 -3.71 -24.54
N ALA A 423 9.23 -4.41 -23.82
CA ALA A 423 8.01 -4.89 -24.47
C ALA A 423 7.12 -3.71 -24.88
N MSE A 424 6.98 -2.72 -24.01
CA MSE A 424 6.22 -1.51 -24.34
C MSE A 424 6.79 -0.79 -25.55
O MSE A 424 6.05 -0.36 -26.46
CB MSE A 424 6.14 -0.58 -23.14
CG MSE A 424 5.26 -1.11 -22.05
SE MSE A 424 3.38 -0.86 -22.54
CE MSE A 424 2.53 -2.14 -21.32
H MSE A 424 7.32 -2.71 -23.22
HA MSE A 424 5.30 -1.78 -24.56
HB2 MSE A 424 7.04 -0.46 -22.77
HB3 MSE A 424 5.79 0.28 -23.42
HG2 MSE A 424 5.43 -2.06 -21.93
HG3 MSE A 424 5.43 -0.63 -21.23
HE1 MSE A 424 1.57 -2.12 -21.45
HE2 MSE A 424 2.87 -3.02 -21.50
HE3 MSE A 424 2.75 -1.89 -20.40
N ALA A 425 8.11 -0.63 -25.56
CA ALA A 425 8.80 0.04 -26.65
C ALA A 425 8.64 -0.73 -27.94
N ASP A 426 9.02 -2.01 -27.91
CA ASP A 426 9.07 -2.81 -29.14
C ASP A 426 7.68 -3.03 -29.74
N ALA A 427 6.67 -3.26 -28.91
CA ALA A 427 5.31 -3.50 -29.41
C ALA A 427 4.76 -2.28 -30.14
N ASN A 428 5.27 -1.11 -29.82
CA ASN A 428 4.74 0.13 -30.34
C ASN A 428 5.72 0.80 -31.30
N GLY A 429 6.88 0.17 -31.51
CA GLY A 429 7.86 0.67 -32.46
C GLY A 429 8.50 2.01 -32.11
N ILE A 430 8.61 2.28 -30.80
CA ILE A 430 9.19 3.51 -30.33
C ILE A 430 10.37 3.28 -29.42
N ASN A 431 11.10 4.36 -29.17
CA ASN A 431 12.27 4.31 -28.35
C ASN A 431 11.94 4.86 -26.98
N LEU A 432 12.08 4.00 -25.96
CA LEU A 432 11.80 4.41 -24.58
C LEU A 432 13.07 4.33 -23.72
N ASP A 433 14.23 4.52 -24.34
CA ASP A 433 15.49 4.43 -23.59
C ASP A 433 15.53 5.38 -22.40
N GLN A 434 15.12 6.63 -22.61
CA GLN A 434 15.19 7.64 -21.54
C GLN A 434 14.21 7.32 -20.42
N PHE A 435 13.16 6.58 -20.75
CA PHE A 435 12.18 6.18 -19.77
C PHE A 435 12.81 5.33 -18.66
N ALA A 436 13.92 4.66 -18.94
CA ALA A 436 14.57 3.83 -17.95
C ALA A 436 14.91 4.60 -16.67
N LEU A 437 15.11 5.91 -16.80
CA LEU A 437 15.50 6.72 -15.64
C LEU A 437 14.41 6.77 -14.59
N TRP A 438 13.15 6.46 -14.93
CA TRP A 438 12.08 6.38 -13.96
C TRP A 438 12.30 5.22 -12.99
N TYR A 439 13.11 4.25 -13.40
CA TYR A 439 13.43 3.13 -12.54
C TYR A 439 14.70 3.32 -11.71
N SER A 440 15.66 4.11 -12.22
CA SER A 440 16.98 4.20 -11.61
C SER A 440 17.24 5.51 -10.88
N GLN A 441 16.45 6.54 -11.16
CA GLN A 441 16.61 7.84 -10.46
C GLN A 441 15.54 8.06 -9.42
N ALA A 442 15.97 8.15 -8.17
CA ALA A 442 15.09 8.50 -7.04
C ALA A 442 14.85 10.01 -6.97
N GLY A 443 13.91 10.42 -6.13
CA GLY A 443 13.60 11.82 -5.89
C GLY A 443 12.42 12.28 -6.71
N THR A 444 11.75 13.33 -6.24
CA THR A 444 10.60 13.88 -6.96
C THR A 444 11.09 14.96 -7.91
N PRO A 445 10.88 14.81 -9.23
CA PRO A 445 11.29 15.89 -10.13
C PRO A 445 10.50 17.16 -9.85
N VAL A 446 11.17 18.30 -9.99
CA VAL A 446 10.52 19.60 -9.85
C VAL A 446 10.52 20.32 -11.20
N LEU A 447 9.33 20.71 -11.64
CA LEU A 447 9.17 21.45 -12.88
C LEU A 447 8.92 22.92 -12.56
N GLU A 448 9.66 23.79 -13.21
CA GLU A 448 9.41 25.22 -13.10
C GLU A 448 8.84 25.69 -14.44
N ALA A 449 7.64 26.28 -14.42
CA ALA A 449 6.95 26.61 -15.66
C ALA A 449 6.50 28.08 -15.68
N GLU A 450 6.51 28.65 -16.89
CA GLU A 450 6.18 30.04 -17.14
C GLU A 450 5.46 30.12 -18.48
N GLY A 451 4.52 31.05 -18.60
CA GLY A 451 3.70 31.10 -19.80
C GLY A 451 3.40 32.52 -20.23
N ARG A 452 3.40 32.73 -21.53
CA ARG A 452 3.00 34.03 -22.09
C ARG A 452 2.30 33.86 -23.42
N LEU A 453 1.31 34.70 -23.66
CA LEU A 453 0.61 34.73 -24.93
C LEU A 453 1.17 35.88 -25.78
N LYS A 454 1.95 35.53 -26.81
CA LYS A 454 2.56 36.51 -27.72
C LYS A 454 2.14 36.18 -29.15
N ASN A 455 1.75 37.21 -29.89
CA ASN A 455 1.01 37.03 -31.13
C ASN A 455 -0.25 36.22 -30.79
N ASN A 456 -0.41 35.06 -31.39
CA ASN A 456 -1.50 34.17 -31.03
C ASN A 456 -0.93 32.81 -30.67
N ILE A 457 0.26 32.84 -30.07
CA ILE A 457 0.93 31.64 -29.56
C ILE A 457 1.02 31.73 -28.04
N PHE A 458 0.51 30.72 -27.33
CA PHE A 458 0.83 30.59 -25.91
C PHE A 458 2.16 29.82 -25.80
N GLU A 459 3.20 30.49 -25.30
CA GLU A 459 4.50 29.87 -25.12
C GLU A 459 4.65 29.43 -23.69
N LEU A 460 4.70 28.12 -23.49
CA LEU A 460 4.90 27.53 -22.18
C LEU A 460 6.33 27.03 -22.09
N THR A 461 7.15 27.68 -21.27
CA THR A 461 8.51 27.21 -21.00
C THR A 461 8.48 26.36 -19.73
N VAL A 462 9.17 25.22 -19.77
CA VAL A 462 9.20 24.30 -18.63
C VAL A 462 10.63 23.82 -18.42
N LYS A 463 11.10 23.94 -17.18
CA LYS A 463 12.39 23.44 -16.77
C LYS A 463 12.17 22.25 -15.85
N GLN A 464 13.10 21.30 -15.85
CA GLN A 464 13.04 20.17 -14.91
C GLN A 464 14.37 20.05 -14.20
N THR A 465 14.24 19.66 -12.94
CA THR A 465 15.36 19.34 -12.10
C THR A 465 14.96 18.18 -11.19
N VAL A 466 15.92 17.32 -10.84
CA VAL A 466 15.70 16.24 -9.87
C VAL A 466 16.79 16.34 -8.81
N PRO A 467 16.44 16.45 -7.50
CA PRO A 467 17.46 16.62 -6.45
C PRO A 467 18.30 15.34 -6.23
N PRO A 468 19.55 15.51 -5.80
CA PRO A 468 20.31 14.40 -5.25
C PRO A 468 19.49 13.69 -4.17
N THR A 469 19.69 12.38 -4.08
CA THR A 469 19.19 11.55 -2.99
C THR A 469 20.38 10.78 -2.41
N PRO A 470 20.21 10.13 -1.25
CA PRO A 470 21.38 9.60 -0.54
C PRO A 470 22.15 8.56 -1.34
N ASP A 471 21.46 7.96 -2.31
CA ASP A 471 22.05 6.94 -3.14
C ASP A 471 22.76 7.48 -4.37
N MSE A 472 22.42 8.70 -4.78
CA MSE A 472 22.83 9.21 -6.09
C MSE A 472 22.73 10.73 -6.22
O MSE A 472 21.66 11.31 -5.97
CB MSE A 472 22.00 8.55 -7.17
CG MSE A 472 22.34 9.01 -8.57
SE MSE A 472 21.29 8.22 -10.01
CE MSE A 472 21.96 6.39 -9.94
H MSE A 472 21.95 9.25 -4.32
HA MSE A 472 23.76 8.96 -6.25
HB2 MSE A 472 22.13 7.60 -7.13
HB3 MSE A 472 21.06 8.76 -7.01
HG2 MSE A 472 22.23 9.97 -8.61
HG3 MSE A 472 23.27 8.79 -8.74
HE1 MSE A 472 21.51 5.86 -10.62
HE2 MSE A 472 22.92 6.39 -10.11
HE3 MSE A 472 21.77 6.02 -9.06
N THR A 473 23.81 11.39 -6.64
CA THR A 473 23.79 12.82 -6.83
C THR A 473 23.41 13.25 -8.27
N ASP A 474 23.98 12.58 -9.27
CA ASP A 474 23.76 12.92 -10.67
C ASP A 474 22.36 12.52 -11.08
N LYS A 475 21.54 13.47 -11.50
CA LYS A 475 20.21 13.16 -12.00
C LYS A 475 20.08 13.86 -13.34
N GLN A 476 19.87 13.07 -14.38
CA GLN A 476 19.77 13.58 -15.74
C GLN A 476 18.31 13.86 -16.08
N PRO A 477 18.06 14.66 -17.13
CA PRO A 477 16.71 14.98 -17.55
C PRO A 477 15.89 13.72 -17.84
N MSE A 478 14.64 13.75 -17.42
CA MSE A 478 13.75 12.58 -17.55
C MSE A 478 12.68 12.84 -18.60
O MSE A 478 12.51 13.96 -19.09
CB MSE A 478 13.13 12.27 -16.19
CG MSE A 478 14.17 12.03 -15.15
SE MSE A 478 13.70 11.70 -13.29
CE MSE A 478 12.92 10.08 -13.71
H MSE A 478 14.28 14.43 -17.05
HA MSE A 478 14.28 11.82 -17.82
HB2 MSE A 478 12.58 13.03 -15.91
HB3 MSE A 478 12.57 11.48 -16.27
HG2 MSE A 478 14.68 11.26 -15.44
HG3 MSE A 478 14.76 12.80 -15.15
HE1 MSE A 478 12.58 9.68 -12.90
HE2 MSE A 478 12.20 10.23 -14.33
HE3 MSE A 478 13.60 9.51 -14.11
N MSE A 479 12.00 11.77 -18.98
CA MSE A 479 10.88 11.84 -19.93
C MSE A 479 9.61 12.07 -19.14
O MSE A 479 9.12 11.17 -18.44
CB MSE A 479 10.79 10.56 -20.78
CG MSE A 479 9.71 10.62 -21.79
SE MSE A 479 9.68 8.99 -22.89
CE MSE A 479 11.49 8.88 -23.48
H MSE A 479 12.15 10.97 -18.71
HA MSE A 479 11.03 12.60 -20.53
HB2 MSE A 479 11.62 10.44 -21.25
HB3 MSE A 479 10.62 9.81 -20.20
HG2 MSE A 479 8.86 10.70 -21.34
HG3 MSE A 479 9.85 11.38 -22.37
HE1 MSE A 479 11.59 8.10 -24.05
HE2 MSE A 479 11.71 9.68 -23.99
HE3 MSE A 479 12.08 8.82 -22.72
N ILE A 480 9.03 13.26 -19.28
CA ILE A 480 7.96 13.75 -18.38
C ILE A 480 6.78 14.26 -19.21
N PRO A 481 5.67 13.50 -19.23
CA PRO A 481 4.50 13.97 -19.98
C PRO A 481 3.69 14.95 -19.16
N VAL A 482 3.43 16.12 -19.74
CA VAL A 482 2.68 17.19 -19.08
C VAL A 482 1.41 17.49 -19.87
N LYS A 483 0.28 16.99 -19.36
CA LYS A 483 -0.99 17.20 -20.02
C LYS A 483 -1.51 18.62 -19.73
N VAL A 484 -1.91 19.32 -20.79
CA VAL A 484 -2.33 20.73 -20.64
C VAL A 484 -3.62 21.10 -21.38
N GLY A 485 -4.24 22.18 -20.90
CA GLY A 485 -5.30 22.84 -21.63
C GLY A 485 -5.25 24.32 -21.26
N LEU A 486 -6.16 25.10 -21.85
CA LEU A 486 -6.22 26.54 -21.66
C LEU A 486 -7.66 26.98 -21.35
N LEU A 487 -7.81 27.90 -20.39
CA LEU A 487 -9.11 28.47 -20.03
C LEU A 487 -9.15 29.97 -20.35
N ASN A 488 -10.24 30.47 -20.91
CA ASN A 488 -10.38 31.92 -21.08
C ASN A 488 -10.88 32.56 -19.78
N ARG A 489 -11.19 33.85 -19.85
CA ARG A 489 -11.52 34.63 -18.67
C ARG A 489 -12.84 34.18 -18.02
N ASN A 490 -13.66 33.46 -18.77
CA ASN A 490 -14.90 32.91 -18.22
C ASN A 490 -14.80 31.43 -17.86
N GLY A 491 -13.59 30.89 -17.91
CA GLY A 491 -13.35 29.50 -17.56
C GLY A 491 -13.76 28.50 -18.63
N GLU A 492 -13.90 28.97 -19.86
CA GLU A 492 -14.25 28.10 -20.98
C GLU A 492 -12.98 27.52 -21.59
N ALA A 493 -13.08 26.31 -22.12
CA ALA A 493 -11.98 25.69 -22.84
C ALA A 493 -11.63 26.51 -24.07
N VAL A 494 -10.34 26.66 -24.31
CA VAL A 494 -9.81 27.38 -25.47
C VAL A 494 -8.93 26.45 -26.29
N ALA A 495 -9.24 26.32 -27.58
CA ALA A 495 -8.49 25.42 -28.44
C ALA A 495 -7.17 26.05 -28.87
N PHE A 496 -6.27 25.20 -29.34
CA PHE A 496 -4.94 25.62 -29.76
C PHE A 496 -4.36 24.59 -30.69
N ASP A 497 -3.33 24.97 -31.41
CA ASP A 497 -2.69 24.07 -32.37
C ASP A 497 -1.36 23.58 -31.84
N TYR A 498 -1.19 22.27 -31.91
CA TYR A 498 0.02 21.62 -31.42
C TYR A 498 0.28 20.34 -32.21
N GLN A 499 1.51 20.21 -32.70
CA GLN A 499 1.91 19.11 -33.57
C GLN A 499 0.81 18.82 -34.60
N GLY A 500 0.41 19.89 -35.28
CA GLY A 500 -0.51 19.81 -36.41
C GLY A 500 -1.86 19.25 -36.07
N LYS A 501 -2.37 19.60 -34.89
CA LYS A 501 -3.72 19.21 -34.50
C LYS A 501 -4.33 20.33 -33.66
N ARG A 502 -5.59 20.67 -33.95
CA ARG A 502 -6.31 21.65 -33.16
C ARG A 502 -7.18 20.92 -32.16
N ALA A 503 -6.87 21.09 -30.88
CA ALA A 503 -7.62 20.45 -29.81
C ALA A 503 -7.66 21.35 -28.59
N THR A 504 -8.43 20.94 -27.59
CA THR A 504 -8.50 21.69 -26.34
CA THR A 504 -8.51 21.69 -26.34
C THR A 504 -7.58 21.08 -25.28
N GLU A 505 -6.94 19.96 -25.63
CA GLU A 505 -6.01 19.28 -24.71
C GLU A 505 -4.84 18.67 -25.47
N ALA A 506 -3.67 18.63 -24.83
CA ALA A 506 -2.52 17.97 -25.44
C ALA A 506 -1.56 17.49 -24.37
N VAL A 507 -0.79 16.45 -24.69
CA VAL A 507 0.31 16.00 -23.84
C VAL A 507 1.63 16.57 -24.36
N LEU A 508 2.25 17.44 -23.57
CA LEU A 508 3.55 18.02 -23.89
C LEU A 508 4.61 17.13 -23.31
N LEU A 509 5.49 16.63 -24.16
CA LEU A 509 6.49 15.69 -23.71
C LEU A 509 7.81 16.41 -23.44
N LEU A 510 8.10 16.59 -22.15
CA LEU A 510 9.34 17.23 -21.73
C LEU A 510 10.44 16.17 -21.65
N THR A 511 11.51 16.32 -22.42
CA THR A 511 12.61 15.35 -22.39
C THR A 511 13.97 16.00 -22.11
N GLU A 512 14.02 17.31 -22.19
CA GLU A 512 15.27 18.04 -21.94
C GLU A 512 15.20 18.84 -20.65
N ALA A 513 16.34 19.40 -20.26
CA ALA A 513 16.42 20.22 -19.06
C ALA A 513 15.45 21.40 -19.10
N GLU A 514 15.28 21.98 -20.27
CA GLU A 514 14.40 23.11 -20.43
C GLU A 514 13.89 23.11 -21.87
N GLN A 515 12.57 23.30 -22.04
CA GLN A 515 11.94 23.35 -23.36
C GLN A 515 10.85 24.39 -23.37
N THR A 516 10.56 24.91 -24.56
CA THR A 516 9.42 25.79 -24.76
C THR A 516 8.44 25.12 -25.71
N PHE A 517 7.18 25.10 -25.30
CA PHE A 517 6.13 24.50 -26.10
C PHE A 517 5.28 25.62 -26.68
N LEU A 518 5.03 25.53 -27.97
CA LEU A 518 4.26 26.55 -28.67
C LEU A 518 2.86 26.06 -28.98
N LEU A 519 1.88 26.62 -28.27
CA LEU A 519 0.48 26.33 -28.50
C LEU A 519 -0.07 27.44 -29.37
N GLU A 520 -0.25 27.16 -30.64
CA GLU A 520 -0.54 28.22 -31.62
C GLU A 520 -2.02 28.35 -31.91
N GLY A 521 -2.39 29.46 -32.55
CA GLY A 521 -3.77 29.67 -32.93
C GLY A 521 -4.66 30.02 -31.75
N VAL A 522 -4.10 30.71 -30.77
CA VAL A 522 -4.83 31.09 -29.57
C VAL A 522 -5.34 32.52 -29.67
N THR A 523 -6.65 32.68 -29.80
CA THR A 523 -7.23 33.97 -30.13
C THR A 523 -7.87 34.69 -28.94
N GLU A 524 -7.68 34.15 -27.72
CA GLU A 524 -8.14 34.80 -26.50
C GLU A 524 -7.11 34.73 -25.38
N ALA A 525 -7.22 35.68 -24.45
CA ALA A 525 -6.42 35.68 -23.24
C ALA A 525 -6.68 34.37 -22.48
N VAL A 526 -5.60 33.70 -22.05
CA VAL A 526 -5.75 32.40 -21.37
C VAL A 526 -4.91 32.26 -20.09
N VAL A 527 -5.39 31.35 -19.24
CA VAL A 527 -4.60 30.81 -18.13
C VAL A 527 -4.52 29.31 -18.34
N PRO A 528 -3.31 28.74 -18.22
CA PRO A 528 -3.17 27.32 -18.56
C PRO A 528 -3.61 26.40 -17.42
N SER A 529 -4.06 25.22 -17.82
CA SER A 529 -4.37 24.11 -16.93
C SER A 529 -3.25 23.08 -17.13
N LEU A 530 -2.49 22.77 -16.09
CA LEU A 530 -1.26 21.99 -16.26
C LEU A 530 -1.22 20.70 -15.44
N LEU A 531 -0.55 19.69 -16.00
CA LEU A 531 -0.38 18.39 -15.35
C LEU A 531 -1.74 17.71 -15.12
N ARG A 532 -2.65 17.87 -16.08
CA ARG A 532 -3.96 17.26 -16.00
C ARG A 532 -3.90 15.76 -15.76
N GLY A 533 -4.79 15.29 -14.87
CA GLY A 533 -4.84 13.91 -14.46
C GLY A 533 -3.60 13.49 -13.67
N PHE A 534 -2.83 14.47 -13.19
CA PHE A 534 -1.52 14.22 -12.57
C PHE A 534 -0.72 13.36 -13.51
N SER A 535 -0.36 13.96 -14.65
CA SER A 535 0.16 13.17 -15.75
C SER A 535 1.58 12.66 -15.57
N ALA A 536 2.30 13.19 -14.57
CA ALA A 536 3.64 12.68 -14.19
C ALA A 536 3.78 12.93 -12.70
N PRO A 537 4.56 12.07 -12.00
CA PRO A 537 4.62 12.19 -10.54
C PRO A 537 5.68 13.20 -10.15
N VAL A 538 5.29 14.47 -10.20
CA VAL A 538 6.23 15.57 -10.07
C VAL A 538 5.63 16.71 -9.24
N HIS A 539 6.51 17.63 -8.84
CA HIS A 539 6.13 18.92 -8.26
CA HIS A 539 6.11 18.90 -8.26
C HIS A 539 6.11 19.93 -9.39
N LEU A 540 5.03 20.69 -9.54
CA LEU A 540 4.96 21.70 -10.60
C LEU A 540 4.74 23.06 -9.99
N ASN A 541 5.61 23.99 -10.37
CA ASN A 541 5.54 25.38 -9.95
C ASN A 541 5.19 26.25 -11.14
N TYR A 542 4.05 26.94 -11.06
CA TYR A 542 3.62 27.87 -12.10
C TYR A 542 3.08 29.10 -11.41
N PRO A 543 3.32 30.31 -11.96
CA PRO A 543 2.87 31.50 -11.23
C PRO A 543 1.38 31.75 -11.41
N TYR A 544 0.60 31.29 -10.45
CA TYR A 544 -0.84 31.47 -10.46
C TYR A 544 -1.21 32.51 -9.42
N SER A 545 -2.10 33.43 -9.79
CA SER A 545 -2.68 34.35 -8.82
C SER A 545 -3.77 33.62 -8.07
N ASP A 546 -4.15 34.13 -6.91
CA ASP A 546 -5.30 33.56 -6.20
C ASP A 546 -6.51 33.55 -7.12
N ASP A 547 -6.69 34.60 -7.91
CA ASP A 547 -7.83 34.64 -8.83
C ASP A 547 -7.75 33.57 -9.93
N ASP A 548 -6.56 33.30 -10.46
CA ASP A 548 -6.34 32.17 -11.38
C ASP A 548 -6.76 30.84 -10.73
N LEU A 549 -6.40 30.66 -9.48
CA LEU A 549 -6.73 29.43 -8.77
C LEU A 549 -8.23 29.31 -8.57
N LEU A 550 -8.91 30.42 -8.30
CA LEU A 550 -10.35 30.42 -8.10
C LEU A 550 -11.01 30.06 -9.41
N LEU A 551 -10.46 30.61 -10.50
CA LEU A 551 -10.97 30.29 -11.83
C LEU A 551 -10.86 28.79 -12.12
N LEU A 552 -9.68 28.24 -11.89
CA LEU A 552 -9.45 26.84 -12.14
C LEU A 552 -10.41 25.98 -11.30
N LEU A 553 -10.58 26.34 -10.04
CA LEU A 553 -11.42 25.58 -9.11
C LEU A 553 -12.88 25.62 -9.56
N ALA A 554 -13.32 26.80 -9.99
CA ALA A 554 -14.69 27.00 -10.44
C ALA A 554 -15.02 26.36 -11.79
N HIS A 555 -14.06 26.34 -12.71
CA HIS A 555 -14.40 26.05 -14.12
C HIS A 555 -13.59 25.00 -14.88
N ASP A 556 -12.44 24.56 -14.37
CA ASP A 556 -11.62 23.65 -15.16
C ASP A 556 -12.34 22.32 -15.36
N SER A 557 -12.02 21.63 -16.44
CA SER A 557 -12.71 20.39 -16.81
C SER A 557 -12.00 19.13 -16.32
N ASP A 558 -10.85 19.29 -15.69
CA ASP A 558 -10.07 18.15 -15.20
C ASP A 558 -10.20 18.09 -13.71
N ALA A 559 -10.52 16.90 -13.17
CA ALA A 559 -10.70 16.77 -11.74
C ALA A 559 -9.45 17.11 -10.95
N PHE A 560 -8.30 16.55 -11.31
CA PHE A 560 -7.10 16.83 -10.56
C PHE A 560 -6.75 18.32 -10.50
N THR A 561 -6.79 19.01 -11.64
CA THR A 561 -6.35 20.39 -11.61
C THR A 561 -7.31 21.28 -10.83
N ARG A 562 -8.61 21.00 -10.85
CA ARG A 562 -9.57 21.72 -10.00
C ARG A 562 -9.23 21.51 -8.53
N TRP A 563 -9.05 20.24 -8.16
CA TRP A 563 -8.69 19.88 -6.80
C TRP A 563 -7.34 20.46 -6.41
N GLU A 564 -6.38 20.44 -7.31
CA GLU A 564 -5.08 21.00 -7.00
C GLU A 564 -5.15 22.50 -6.76
N ALA A 565 -6.08 23.19 -7.42
CA ALA A 565 -6.29 24.61 -7.19
C ALA A 565 -6.79 24.85 -5.76
N ALA A 566 -7.75 24.04 -5.31
CA ALA A 566 -8.23 24.16 -3.93
C ALA A 566 -7.08 23.86 -2.98
N GLN A 567 -6.36 22.78 -3.22
CA GLN A 567 -5.23 22.43 -2.39
C GLN A 567 -4.23 23.58 -2.26
N THR A 568 -3.96 24.26 -3.38
CA THR A 568 -3.02 25.39 -3.37
C THR A 568 -3.54 26.55 -2.53
N LEU A 569 -4.83 26.82 -2.66
CA LEU A 569 -5.46 27.85 -1.84
C LEU A 569 -5.36 27.52 -0.36
N TYR A 570 -5.62 26.26 0.02
CA TYR A 570 -5.47 25.88 1.42
C TYR A 570 -4.02 26.04 1.87
N ARG A 571 -3.08 25.58 1.06
CA ARG A 571 -1.65 25.66 1.41
C ARG A 571 -1.24 27.13 1.63
N ARG A 572 -1.69 28.00 0.75
CA ARG A 572 -1.36 29.42 0.88
C ARG A 572 -1.99 30.01 2.15
N ALA A 573 -3.20 29.56 2.50
CA ALA A 573 -3.84 30.00 3.73
C ALA A 573 -3.09 29.56 4.98
N VAL A 574 -2.62 28.32 4.99
CA VAL A 574 -1.83 27.85 6.14
C VAL A 574 -0.54 28.65 6.24
N ALA A 575 0.11 28.90 5.11
CA ALA A 575 1.33 29.71 5.11
C ALA A 575 1.07 31.09 5.69
N ALA A 576 -0.08 31.69 5.35
CA ALA A 576 -0.42 33.00 5.88
C ALA A 576 -0.67 32.91 7.38
N ASN A 577 -1.30 31.83 7.84
CA ASN A 577 -1.49 31.61 9.28
C ASN A 577 -0.18 31.50 10.01
N LEU A 578 0.76 30.79 9.41
CA LEU A 578 2.06 30.61 10.01
C LEU A 578 2.72 31.96 10.25
N ALA A 579 2.61 32.84 9.27
CA ALA A 579 3.20 34.19 9.33
C ALA A 579 2.57 35.03 10.43
N THR A 580 1.25 35.06 10.50
CA THR A 580 0.58 35.86 11.55
C THR A 580 0.84 35.29 12.94
N LEU A 581 0.81 33.97 13.07
CA LEU A 581 1.03 33.34 14.38
C LEU A 581 2.45 33.63 14.86
N SER A 582 3.39 33.64 13.92
CA SER A 582 4.77 33.94 14.20
C SER A 582 4.97 35.41 14.60
N ASP A 583 4.32 36.33 13.89
CA ASP A 583 4.42 37.77 14.18
C ASP A 583 3.55 38.18 15.37
N GLY A 584 2.86 37.23 15.96
CA GLY A 584 1.99 37.50 17.09
C GLY A 584 0.85 38.47 16.78
N VAL A 585 0.22 38.34 15.62
CA VAL A 585 -0.93 39.17 15.26
C VAL A 585 -2.17 38.33 14.94
N GLU A 586 -3.28 39.03 14.75
CA GLU A 586 -4.55 38.43 14.34
C GLU A 586 -4.38 37.51 13.13
N LEU A 587 -5.16 36.42 13.08
CA LEU A 587 -5.16 35.56 11.90
C LEU A 587 -5.64 36.33 10.65
N PRO A 588 -5.21 35.90 9.45
CA PRO A 588 -5.69 36.52 8.22
C PRO A 588 -7.18 36.38 8.06
N LYS A 589 -7.79 37.16 7.17
CA LYS A 589 -9.23 37.05 6.95
C LYS A 589 -9.54 35.88 6.02
N HIS A 590 -8.60 35.54 5.14
CA HIS A 590 -8.81 34.53 4.12
C HIS A 590 -10.08 34.79 3.32
N GLU A 591 -10.36 36.04 2.97
CA GLU A 591 -11.63 36.36 2.32
C GLU A 591 -11.85 35.61 1.00
N LYS A 592 -10.84 35.55 0.14
CA LYS A 592 -11.01 34.85 -1.13
C LYS A 592 -11.20 33.34 -0.95
N LEU A 593 -10.41 32.75 -0.07
CA LEU A 593 -10.56 31.34 0.23
C LEU A 593 -11.98 31.07 0.69
N LEU A 594 -12.46 31.87 1.63
CA LEU A 594 -13.78 31.61 2.19
C LEU A 594 -14.86 31.74 1.11
N ALA A 595 -14.67 32.65 0.15
CA ALA A 595 -15.63 32.77 -0.94
C ALA A 595 -15.59 31.54 -1.85
N ALA A 596 -14.39 31.03 -2.10
CA ALA A 596 -14.21 29.79 -2.86
C ALA A 596 -14.88 28.58 -2.20
N VAL A 597 -14.73 28.45 -0.88
CA VAL A 597 -15.31 27.33 -0.15
C VAL A 597 -16.82 27.46 -0.10
N GLU A 598 -17.34 28.68 0.08
CA GLU A 598 -18.79 28.87 0.10
C GLU A 598 -19.39 28.38 -1.22
N LYS A 599 -18.68 28.66 -2.31
CA LYS A 599 -19.12 28.26 -3.65
C LYS A 599 -19.16 26.74 -3.79
N VAL A 600 -18.12 26.09 -3.30
CA VAL A 600 -18.07 24.63 -3.33
C VAL A 600 -19.21 24.07 -2.49
N ILE A 601 -19.40 24.61 -1.29
CA ILE A 601 -20.44 24.12 -0.42
C ILE A 601 -21.79 24.20 -1.12
N SER A 602 -22.04 25.33 -1.77
CA SER A 602 -23.35 25.62 -2.31
C SER A 602 -23.60 25.08 -3.70
N ASP A 603 -22.59 24.47 -4.32
CA ASP A 603 -22.75 23.98 -5.69
C ASP A 603 -23.40 22.59 -5.67
N ASP A 604 -24.65 22.51 -6.13
CA ASP A 604 -25.40 21.25 -6.15
C ASP A 604 -25.08 20.40 -7.39
N LEU A 605 -24.29 20.91 -8.31
CA LEU A 605 -23.90 20.13 -9.50
C LEU A 605 -22.62 19.32 -9.25
N LEU A 606 -21.90 19.65 -8.18
CA LEU A 606 -20.69 18.91 -7.85
C LEU A 606 -21.00 17.52 -7.34
N ASP A 607 -20.31 16.54 -7.91
CA ASP A 607 -20.32 15.17 -7.40
C ASP A 607 -20.01 15.17 -5.89
N ASN A 608 -20.76 14.38 -5.12
CA ASN A 608 -20.68 14.46 -3.65
C ASN A 608 -19.28 14.13 -3.14
N ALA A 609 -18.69 13.05 -3.64
CA ALA A 609 -17.39 12.61 -3.15
C ALA A 609 -16.31 13.56 -3.64
N PHE A 610 -16.49 14.13 -4.84
CA PHE A 610 -15.55 15.14 -5.32
C PHE A 610 -15.62 16.41 -4.46
N LYS A 611 -16.85 16.83 -4.15
CA LYS A 611 -17.04 17.95 -3.24
C LYS A 611 -16.32 17.69 -1.90
N ALA A 612 -16.43 16.46 -1.39
CA ALA A 612 -15.76 16.11 -0.14
C ALA A 612 -14.24 16.33 -0.27
N LEU A 613 -13.66 15.92 -1.38
CA LEU A 613 -12.22 16.11 -1.60
C LEU A 613 -11.81 17.58 -1.69
N LEU A 614 -12.65 18.40 -2.33
CA LEU A 614 -12.41 19.83 -2.44
C LEU A 614 -12.42 20.52 -1.07
N LEU A 615 -13.02 19.84 -0.08
CA LEU A 615 -13.14 20.37 1.28
C LEU A 615 -12.11 19.80 2.24
N GLY A 616 -11.18 18.99 1.73
CA GLY A 616 -10.09 18.47 2.54
C GLY A 616 -8.85 19.35 2.50
N VAL A 617 -8.24 19.57 3.65
CA VAL A 617 -7.08 20.43 3.78
C VAL A 617 -5.82 19.56 3.77
N PRO A 618 -4.76 19.96 3.02
CA PRO A 618 -3.55 19.12 2.98
C PRO A 618 -3.01 18.81 4.38
N SER A 619 -2.37 17.66 4.53
CA SER A 619 -1.84 17.26 5.81
C SER A 619 -0.64 18.09 6.22
N GLU A 620 -0.31 18.00 7.50
CA GLU A 620 0.89 18.68 8.01
C GLU A 620 2.15 18.32 7.19
N ALA A 621 2.35 17.05 6.88
CA ALA A 621 3.54 16.62 6.12
C ALA A 621 3.57 17.26 4.74
N GLU A 622 2.40 17.39 4.09
CA GLU A 622 2.37 18.11 2.83
C GLU A 622 2.75 19.57 3.00
N LEU A 623 2.32 20.15 4.12
CA LEU A 623 2.51 21.56 4.36
C LEU A 623 3.94 21.90 4.69
N TRP A 624 4.68 21.01 5.35
CA TRP A 624 6.08 21.30 5.64
C TRP A 624 7.05 20.67 4.63
N ASP A 625 6.50 20.12 3.56
CA ASP A 625 7.37 19.66 2.47
C ASP A 625 8.35 20.73 2.03
N GLY A 626 9.62 20.36 2.03
CA GLY A 626 10.65 21.26 1.53
C GLY A 626 11.21 22.21 2.58
N ALA A 627 10.65 22.17 3.79
CA ALA A 627 11.12 23.06 4.86
C ALA A 627 12.29 22.49 5.62
N GLU A 628 12.99 23.39 6.31
CA GLU A 628 14.09 23.04 7.18
C GLU A 628 13.69 23.55 8.57
N ASN A 629 14.32 22.98 9.59
CA ASN A 629 14.18 23.42 10.96
C ASN A 629 12.71 23.48 11.37
N ILE A 630 12.03 22.38 11.05
CA ILE A 630 10.59 22.27 11.25
C ILE A 630 10.23 22.11 12.72
N ASP A 631 9.30 22.94 13.17
CA ASP A 631 8.58 22.71 14.43
C ASP A 631 7.22 22.15 14.07
N PRO A 632 7.03 20.82 14.20
CA PRO A 632 5.77 20.25 13.70
C PRO A 632 4.53 20.83 14.39
N LEU A 633 4.66 21.27 15.64
CA LEU A 633 3.51 21.81 16.36
CA LEU A 633 3.51 21.81 16.37
C LEU A 633 3.10 23.18 15.82
N ARG A 634 4.05 23.94 15.28
CA ARG A 634 3.68 25.21 14.68
C ARG A 634 2.87 24.96 13.39
N TYR A 635 3.27 23.98 12.57
CA TYR A 635 2.45 23.63 11.41
C TYR A 635 1.10 23.09 11.83
N HIS A 636 1.09 22.23 12.85
CA HIS A 636 -0.18 21.71 13.38
C HIS A 636 -1.09 22.87 13.82
N GLN A 637 -0.51 23.82 14.54
CA GLN A 637 -1.32 24.94 15.03
C GLN A 637 -1.91 25.78 13.88
N ALA A 638 -1.13 26.02 12.84
CA ALA A 638 -1.59 26.79 11.68
C ALA A 638 -2.69 26.06 10.91
N ARG A 639 -2.53 24.74 10.77
CA ARG A 639 -3.54 23.94 10.11
C ARG A 639 -4.83 23.88 10.92
N GLU A 640 -4.71 23.66 12.23
CA GLU A 640 -5.87 23.65 13.10
C GLU A 640 -6.61 24.96 13.08
N ALA A 641 -5.90 26.08 13.06
CA ALA A 641 -6.55 27.41 13.00
C ALA A 641 -7.38 27.56 11.73
N LEU A 642 -6.85 27.06 10.61
CA LEU A 642 -7.58 27.11 9.38
C LEU A 642 -8.86 26.27 9.48
N LEU A 643 -8.73 25.03 9.96
CA LEU A 643 -9.89 24.18 10.11
C LEU A 643 -10.92 24.82 11.05
N ASP A 644 -10.46 25.39 12.16
CA ASP A 644 -11.34 26.11 13.11
C ASP A 644 -12.12 27.22 12.41
N THR A 645 -11.41 27.99 11.60
CA THR A 645 -12.02 29.08 10.85
C THR A 645 -13.09 28.57 9.89
N LEU A 646 -12.75 27.54 9.11
CA LEU A 646 -13.71 26.94 8.20
C LEU A 646 -14.89 26.38 8.95
N ALA A 647 -14.64 25.74 10.10
CA ALA A 647 -15.72 25.12 10.89
C ALA A 647 -16.71 26.16 11.41
N VAL A 648 -16.17 27.15 12.11
CA VAL A 648 -17.02 28.18 12.72
C VAL A 648 -17.64 29.07 11.66
N HIS A 649 -16.87 29.48 10.66
CA HIS A 649 -17.39 30.44 9.69
C HIS A 649 -18.65 29.89 9.01
N PHE A 650 -18.60 28.63 8.64
CA PHE A 650 -19.68 28.01 7.89
C PHE A 650 -20.59 27.05 8.71
N LEU A 651 -20.56 27.12 10.04
CA LEU A 651 -21.30 26.15 10.88
C LEU A 651 -22.76 25.88 10.42
N PRO A 652 -23.59 26.92 10.22
CA PRO A 652 -24.95 26.64 9.74
C PRO A 652 -24.98 25.88 8.41
N LYS A 653 -24.09 26.21 7.49
CA LYS A 653 -24.05 25.56 6.18
C LYS A 653 -23.51 24.12 6.25
N TRP A 654 -22.63 23.82 7.21
CA TRP A 654 -22.18 22.44 7.44
C TRP A 654 -23.39 21.59 7.87
N HIS A 655 -24.22 22.13 8.76
CA HIS A 655 -25.42 21.43 9.21
C HIS A 655 -26.36 21.18 8.03
N GLU A 656 -26.51 22.21 7.20
CA GLU A 656 -27.40 22.18 6.05
C GLU A 656 -26.97 21.15 5.00
N LEU A 657 -25.68 21.15 4.68
CA LEU A 657 -25.11 20.19 3.75
C LEU A 657 -25.26 18.77 4.32
N ASN A 658 -25.06 18.60 5.63
CA ASN A 658 -25.24 17.30 6.28
C ASN A 658 -26.68 16.77 6.05
N ARG A 659 -27.65 17.63 6.28
CA ARG A 659 -29.06 17.30 6.07
C ARG A 659 -29.37 16.93 4.61
N GLN A 660 -28.84 17.71 3.66
CA GLN A 660 -28.99 17.41 2.23
C GLN A 660 -28.46 16.03 1.94
N ALA A 661 -27.27 15.76 2.45
CA ALA A 661 -26.62 14.48 2.21
C ALA A 661 -27.43 13.34 2.81
N ALA A 662 -27.95 13.53 4.02
CA ALA A 662 -28.74 12.51 4.69
C ALA A 662 -29.99 12.22 3.87
N LYS A 663 -30.60 13.26 3.33
CA LYS A 663 -31.81 13.09 2.54
C LYS A 663 -31.51 12.29 1.28
N GLN A 664 -30.38 12.58 0.62
CA GLN A 664 -30.04 11.88 -0.62
C GLN A 664 -29.55 10.44 -0.37
N GLU A 665 -28.93 10.19 0.77
CA GLU A 665 -28.53 8.84 1.14
C GLU A 665 -29.76 7.96 1.21
N ASN A 666 -30.88 8.55 1.64
CA ASN A 666 -32.17 7.90 1.52
C ASN A 666 -32.25 6.55 2.23
N GLN A 667 -31.58 6.45 3.38
CA GLN A 667 -31.61 5.25 4.19
C GLN A 667 -31.09 4.00 3.46
N SER A 668 -30.24 4.20 2.47
CA SER A 668 -29.62 3.08 1.75
C SER A 668 -28.29 2.80 2.44
N TYR A 669 -28.32 2.03 3.51
CA TYR A 669 -27.17 1.88 4.40
C TYR A 669 -26.16 0.83 3.96
N GLU A 670 -26.54 -0.04 3.04
CA GLU A 670 -25.56 -0.98 2.50
C GLU A 670 -24.51 -0.27 1.64
N TYR A 671 -23.38 -0.95 1.39
CA TYR A 671 -22.34 -0.37 0.55
C TYR A 671 -22.81 -0.26 -0.92
N SER A 672 -22.72 0.94 -1.45
CA SER A 672 -22.74 1.18 -2.88
C SER A 672 -21.95 2.46 -3.11
N PRO A 673 -21.34 2.62 -4.29
CA PRO A 673 -20.58 3.85 -4.54
C PRO A 673 -21.42 5.11 -4.40
N GLU A 674 -22.68 5.05 -4.81
CA GLU A 674 -23.57 6.22 -4.78
C GLU A 674 -23.87 6.63 -3.33
N ALA A 675 -24.31 5.68 -2.52
CA ALA A 675 -24.65 5.98 -1.12
C ALA A 675 -23.40 6.40 -0.38
N ALA A 676 -22.28 5.77 -0.71
CA ALA A 676 -21.02 6.05 -0.04
C ALA A 676 -20.60 7.48 -0.26
N GLY A 677 -20.87 8.03 -1.44
CA GLY A 677 -20.48 9.39 -1.74
C GLY A 677 -21.21 10.38 -0.83
N TRP A 678 -22.47 10.11 -0.57
CA TRP A 678 -23.24 10.97 0.31
C TRP A 678 -22.72 10.85 1.74
N ARG A 679 -22.38 9.64 2.18
CA ARG A 679 -21.86 9.45 3.53
C ARG A 679 -20.52 10.12 3.69
N THR A 680 -19.71 10.14 2.63
CA THR A 680 -18.39 10.75 2.73
C THR A 680 -18.59 12.24 3.01
N LEU A 681 -19.48 12.88 2.27
CA LEU A 681 -19.77 14.29 2.45
C LEU A 681 -20.35 14.52 3.84
N ARG A 682 -21.26 13.64 4.24
CA ARG A 682 -21.85 13.70 5.56
C ARG A 682 -20.78 13.72 6.66
N ASN A 683 -19.77 12.86 6.53
CA ASN A 683 -18.75 12.78 7.56
C ASN A 683 -17.78 13.97 7.56
N VAL A 684 -17.59 14.61 6.41
CA VAL A 684 -16.84 15.88 6.37
C VAL A 684 -17.61 16.95 7.15
N CYS A 685 -18.90 17.02 6.90
CA CYS A 685 -19.75 17.98 7.61
C CYS A 685 -19.71 17.73 9.12
N ARG A 686 -19.79 16.48 9.54
CA ARG A 686 -19.78 16.17 10.98
C ARG A 686 -18.49 16.63 11.65
N ALA A 687 -17.38 16.43 10.96
CA ALA A 687 -16.10 16.86 11.49
C ALA A 687 -16.06 18.36 11.73
N PHE A 688 -16.58 19.13 10.78
CA PHE A 688 -16.58 20.59 10.90
C PHE A 688 -17.56 21.02 11.98
N VAL A 689 -18.75 20.44 12.00
CA VAL A 689 -19.74 20.80 12.99
C VAL A 689 -19.20 20.59 14.39
N LEU A 690 -18.58 19.46 14.66
CA LEU A 690 -18.17 19.17 16.03
C LEU A 690 -16.91 19.90 16.43
N ARG A 691 -16.20 20.47 15.46
CA ARG A 691 -15.09 21.38 15.75
C ARG A 691 -15.61 22.74 16.20
N ALA A 692 -16.63 23.24 15.51
CA ALA A 692 -17.19 24.55 15.82
C ALA A 692 -18.04 24.53 17.08
N ASP A 693 -18.76 23.43 17.29
CA ASP A 693 -19.69 23.29 18.39
C ASP A 693 -19.51 21.94 19.08
N PRO A 694 -18.45 21.81 19.89
CA PRO A 694 -18.20 20.54 20.59
C PRO A 694 -19.38 20.08 21.43
N ALA A 695 -20.19 21.01 21.94
CA ALA A 695 -21.34 20.64 22.76
C ALA A 695 -22.38 19.85 21.98
N HIS A 696 -22.34 19.92 20.66
CA HIS A 696 -23.23 19.14 19.83
C HIS A 696 -23.04 17.64 20.07
N ILE A 697 -21.92 17.25 20.69
CA ILE A 697 -21.64 15.82 21.03
C ILE A 697 -22.72 15.24 21.94
N GLU A 698 -23.28 16.05 22.85
CA GLU A 698 -24.31 15.49 23.74
C GLU A 698 -25.59 15.25 22.95
N THR A 699 -25.83 16.06 21.92
CA THR A 699 -27.00 15.90 21.08
C THR A 699 -26.82 14.66 20.23
N VAL A 700 -25.62 14.46 19.72
CA VAL A 700 -25.32 13.24 18.98
C VAL A 700 -25.48 12.03 19.92
N ALA A 701 -24.93 12.10 21.12
CA ALA A 701 -24.95 10.96 22.04
C ALA A 701 -26.37 10.55 22.38
N GLU A 702 -27.26 11.54 22.52
CA GLU A 702 -28.68 11.29 22.84
C GLU A 702 -29.35 10.49 21.75
N LYS A 703 -29.00 10.78 20.51
CA LYS A 703 -29.65 10.11 19.39
C LYS A 703 -28.68 9.12 18.73
N TYR A 704 -27.64 8.68 19.46
CA TYR A 704 -26.59 7.84 18.85
C TYR A 704 -27.16 6.62 18.12
N GLY A 705 -28.01 5.86 18.80
CA GLY A 705 -28.59 4.65 18.22
C GLY A 705 -29.31 4.89 16.91
N GLU A 706 -29.99 6.02 16.86
CA GLU A 706 -30.70 6.41 15.64
C GLU A 706 -29.71 6.75 14.52
N MSE A 707 -28.54 7.29 14.87
CA MSE A 707 -27.61 7.69 13.83
C MSE A 707 -26.75 6.51 13.37
O MSE A 707 -26.27 6.51 12.23
CB MSE A 707 -26.68 8.82 14.30
CG MSE A 707 -27.36 10.16 14.57
SE MSE A 707 -29.00 10.65 13.56
CE MSE A 707 -28.49 10.30 11.70
H MSE A 707 -28.27 7.42 15.68
HA MSE A 707 -28.12 8.01 13.07
HB2 MSE A 707 -26.24 8.55 15.11
HB3 MSE A 707 -26.02 8.97 13.60
HG2 MSE A 707 -27.60 10.18 15.51
HG3 MSE A 707 -26.71 10.87 14.40
HE1 MSE A 707 -29.25 10.51 11.12
HE2 MSE A 707 -27.73 10.85 11.46
HE3 MSE A 707 -28.26 9.36 11.61
N ALA A 708 -26.60 5.53 14.25
CA ALA A 708 -25.62 4.46 14.06
C ALA A 708 -26.24 3.41 13.15
N GLN A 709 -26.52 3.81 11.90
CA GLN A 709 -27.26 2.90 10.99
C GLN A 709 -26.31 1.98 10.20
N ASN A 710 -25.01 2.30 10.22
CA ASN A 710 -23.98 1.42 9.73
C ASN A 710 -22.65 1.94 10.31
N MSE A 711 -21.57 1.23 10.04
CA MSE A 711 -20.27 1.57 10.62
C MSE A 711 -19.68 2.83 9.99
O MSE A 711 -18.87 3.54 10.61
CB MSE A 711 -19.29 0.40 10.48
CG MSE A 711 -17.87 0.68 10.99
SE MSE A 711 -17.82 1.12 12.88
CE MSE A 711 -18.47 -0.56 13.58
H MSE A 711 -21.55 0.54 9.53
HA MSE A 711 -20.38 1.73 11.57
HB2 MSE A 711 -19.63 -0.36 10.98
HB3 MSE A 711 -19.22 0.16 9.54
HG2 MSE A 711 -17.32 -0.11 10.84
HG3 MSE A 711 -17.49 1.43 10.50
HE1 MSE A 711 -18.50 -0.51 14.55
HE2 MSE A 711 -19.35 -0.73 13.23
HE3 MSE A 711 -17.87 -1.27 13.31
N THR A 712 -20.06 3.15 8.77
CA THR A 712 -19.59 4.40 8.19
C THR A 712 -20.08 5.59 9.02
N HIS A 713 -21.33 5.51 9.49
CA HIS A 713 -21.85 6.55 10.34
C HIS A 713 -21.24 6.53 11.74
N GLU A 714 -21.14 5.36 12.38
CA GLU A 714 -20.51 5.28 13.72
C GLU A 714 -19.07 5.80 13.64
N TRP A 715 -18.28 5.30 12.68
CA TRP A 715 -16.89 5.74 12.52
C TRP A 715 -16.82 7.25 12.24
N GLY A 716 -17.68 7.75 11.35
CA GLY A 716 -17.70 9.17 11.06
C GLY A 716 -17.98 10.04 12.26
N ILE A 717 -18.94 9.63 13.07
CA ILE A 717 -19.23 10.39 14.28
C ILE A 717 -18.12 10.28 15.31
N LEU A 718 -17.60 9.06 15.55
CA LEU A 718 -16.54 8.93 16.54
C LEU A 718 -15.30 9.67 16.09
N SER A 719 -15.00 9.63 14.80
CA SER A 719 -13.87 10.38 14.27
CA SER A 719 -13.86 10.37 14.28
C SER A 719 -14.05 11.88 14.52
N ALA A 720 -15.27 12.37 14.27
CA ALA A 720 -15.56 13.78 14.37
C ALA A 720 -15.40 14.30 15.80
N VAL A 721 -15.75 13.47 16.78
CA VAL A 721 -15.68 13.88 18.18
C VAL A 721 -14.37 13.46 18.87
N ASN A 722 -13.47 12.78 18.15
CA ASN A 722 -12.36 12.07 18.80
C ASN A 722 -11.38 12.99 19.52
N GLY A 723 -11.30 14.23 19.06
CA GLY A 723 -10.43 15.22 19.66
C GLY A 723 -11.12 16.10 20.70
N ASN A 724 -12.43 15.87 20.92
CA ASN A 724 -13.32 16.63 21.88
C ASN A 724 -12.82 16.39 23.30
N GLU A 725 -12.63 17.45 24.09
CA GLU A 725 -12.20 17.27 25.46
C GLU A 725 -13.35 16.85 26.41
N SER A 726 -14.56 16.68 25.88
CA SER A 726 -15.67 16.23 26.73
C SER A 726 -15.50 14.81 27.18
N ASP A 727 -16.02 14.54 28.37
CA ASP A 727 -16.07 13.21 28.91
C ASP A 727 -16.95 12.29 28.05
N THR A 728 -17.88 12.90 27.32
CA THR A 728 -18.78 12.14 26.48
C THR A 728 -17.99 11.41 25.39
N ARG A 729 -16.91 12.02 24.92
CA ARG A 729 -16.06 11.37 23.92
C ARG A 729 -15.53 10.05 24.48
N ASN A 730 -15.02 10.09 25.70
CA ASN A 730 -14.52 8.87 26.34
C ASN A 730 -15.63 7.84 26.57
N ARG A 731 -16.83 8.31 26.93
CA ARG A 731 -17.94 7.39 27.16
C ARG A 731 -18.37 6.72 25.85
N LEU A 732 -18.43 7.49 24.78
CA LEU A 732 -18.86 6.95 23.47
C LEU A 732 -17.85 5.90 22.99
N LEU A 733 -16.57 6.18 23.16
CA LEU A 733 -15.54 5.20 22.83
C LEU A 733 -15.68 3.93 23.64
N ALA A 734 -15.91 4.05 24.96
CA ALA A 734 -16.08 2.88 25.79
C ALA A 734 -17.29 2.06 25.37
N GLN A 735 -18.38 2.73 25.00
CA GLN A 735 -19.59 2.04 24.57
C GLN A 735 -19.35 1.32 23.25
N PHE A 736 -18.57 1.95 22.36
CA PHE A 736 -18.16 1.33 21.09
C PHE A 736 -17.38 0.03 21.29
N ALA A 737 -16.37 0.07 22.15
CA ALA A 737 -15.57 -1.13 22.47
C ALA A 737 -16.40 -2.25 23.09
N ASP A 738 -17.38 -1.89 23.91
CA ASP A 738 -18.26 -2.90 24.50
C ASP A 738 -19.18 -3.53 23.43
N LYS A 739 -19.84 -2.69 22.64
CA LYS A 739 -20.75 -3.15 21.58
C LYS A 739 -20.08 -4.13 20.64
N PHE A 740 -18.82 -3.87 20.30
CA PHE A 740 -18.15 -4.59 19.21
C PHE A 740 -16.98 -5.42 19.75
N SER A 741 -17.04 -5.79 21.03
CA SER A 741 -15.87 -6.40 21.71
C SER A 741 -15.43 -7.70 21.02
N ASP A 742 -16.40 -8.37 20.41
CA ASP A 742 -16.21 -9.66 19.73
C ASP A 742 -15.71 -9.57 18.28
N ASP A 743 -15.57 -8.35 17.75
CA ASP A 743 -15.15 -8.17 16.35
CA ASP A 743 -15.14 -8.17 16.36
C ASP A 743 -13.77 -7.53 16.31
N ALA A 744 -12.75 -8.35 16.00
CA ALA A 744 -11.40 -7.86 16.08
C ALA A 744 -11.12 -6.69 15.15
N LEU A 745 -11.79 -6.63 13.99
CA LEU A 745 -11.56 -5.50 13.04
C LEU A 745 -12.17 -4.22 13.53
N VAL A 746 -13.26 -4.32 14.30
CA VAL A 746 -13.82 -3.12 14.88
C VAL A 746 -12.98 -2.68 16.06
N MSE A 747 -12.41 -3.64 16.80
CA MSE A 747 -11.53 -3.26 17.89
C MSE A 747 -10.31 -2.53 17.34
O MSE A 747 -9.82 -1.62 17.98
CB MSE A 747 -11.15 -4.50 18.74
CG MSE A 747 -12.29 -5.06 19.62
SE MSE A 747 -13.14 -3.72 20.73
CE MSE A 747 -11.65 -3.07 21.76
H MSE A 747 -12.51 -4.48 16.69
HA MSE A 747 -12.01 -2.66 18.47
HB2 MSE A 747 -10.87 -5.21 18.13
HB3 MSE A 747 -10.42 -4.27 19.32
HG2 MSE A 747 -12.96 -5.45 19.04
HG3 MSE A 747 -11.92 -5.74 20.20
HE1 MSE A 747 -11.97 -2.39 22.37
HE2 MSE A 747 -11.28 -3.81 22.27
HE3 MSE A 747 -10.99 -2.71 21.16
N ASP A 748 -9.84 -2.89 16.14
CA ASP A 748 -8.76 -2.09 15.50
C ASP A 748 -9.15 -0.63 15.37
N LYS A 749 -10.40 -0.38 15.00
CA LYS A 749 -10.91 0.99 14.88
C LYS A 749 -10.89 1.71 16.23
N TYR A 750 -11.29 1.02 17.28
CA TYR A 750 -11.25 1.60 18.63
C TYR A 750 -9.82 2.04 18.97
N PHE A 751 -8.85 1.15 18.73
CA PHE A 751 -7.47 1.47 19.07
C PHE A 751 -6.92 2.59 18.19
N ALA A 752 -7.36 2.66 16.93
CA ALA A 752 -6.93 3.78 16.08
C ALA A 752 -7.47 5.10 16.61
N LEU A 753 -8.70 5.13 17.10
CA LEU A 753 -9.23 6.34 17.70
C LEU A 753 -8.48 6.73 18.97
N VAL A 754 -8.12 5.75 19.80
CA VAL A 754 -7.35 6.05 20.97
C VAL A 754 -6.01 6.67 20.62
N GLY A 755 -5.30 6.06 19.67
CA GLY A 755 -3.99 6.52 19.24
C GLY A 755 -3.94 7.87 18.52
N SER A 756 -5.03 8.24 17.84
CA SER A 756 -5.04 9.37 16.92
C SER A 756 -5.62 10.67 17.52
N SER A 757 -6.18 10.58 18.72
CA SER A 757 -6.87 11.73 19.33
C SER A 757 -5.93 12.92 19.59
N ARG A 758 -6.40 14.14 19.25
CA ARG A 758 -5.67 15.35 19.57
CA ARG A 758 -5.61 15.32 19.57
C ARG A 758 -5.96 15.86 20.97
N ARG A 759 -6.81 15.16 21.71
CA ARG A 759 -6.98 15.48 23.15
C ARG A 759 -5.64 15.57 23.90
N SER A 760 -5.62 16.25 25.05
CA SER A 760 -4.34 16.47 25.71
C SER A 760 -3.81 15.18 26.37
N ASP A 761 -4.71 14.27 26.73
CA ASP A 761 -4.33 13.10 27.52
C ASP A 761 -4.06 11.83 26.69
N THR A 762 -3.79 11.95 25.40
CA THR A 762 -3.69 10.75 24.55
C THR A 762 -2.56 9.80 24.93
N LEU A 763 -1.42 10.28 25.37
CA LEU A 763 -0.34 9.33 25.73
C LEU A 763 -0.77 8.39 26.87
N GLN A 764 -1.45 8.88 27.90
CA GLN A 764 -1.80 7.97 28.99
C GLN A 764 -2.97 7.09 28.56
N GLN A 765 -3.86 7.58 27.70
CA GLN A 765 -4.94 6.71 27.20
C GLN A 765 -4.36 5.59 26.33
N VAL A 766 -3.36 5.92 25.53
CA VAL A 766 -2.65 4.89 24.75
C VAL A 766 -1.95 3.87 25.65
N ARG A 767 -1.31 4.32 26.71
CA ARG A 767 -0.62 3.38 27.59
C ARG A 767 -1.61 2.49 28.33
N THR A 768 -2.78 3.01 28.68
CA THR A 768 -3.83 2.13 29.23
C THR A 768 -4.30 1.11 28.19
N ALA A 769 -4.47 1.56 26.95
CA ALA A 769 -4.96 0.70 25.89
C ALA A 769 -4.02 -0.47 25.57
N LEU A 770 -2.72 -0.30 25.85
CA LEU A 770 -1.77 -1.41 25.71
C LEU A 770 -2.14 -2.62 26.56
N GLN A 771 -2.89 -2.39 27.64
CA GLN A 771 -3.32 -3.47 28.55
C GLN A 771 -4.78 -3.81 28.41
N HIS A 772 -5.43 -3.29 27.37
CA HIS A 772 -6.81 -3.64 27.11
C HIS A 772 -6.87 -5.13 26.81
N PRO A 773 -7.87 -5.86 27.30
CA PRO A 773 -7.93 -7.31 27.05
C PRO A 773 -7.96 -7.69 25.56
N LYS A 774 -8.47 -6.83 24.69
CA LYS A 774 -8.50 -7.11 23.26
C LYS A 774 -7.25 -6.63 22.50
N PHE A 775 -6.33 -5.96 23.20
CA PHE A 775 -5.10 -5.54 22.55
C PHE A 775 -4.06 -6.65 22.61
N SER A 776 -3.34 -6.84 21.50
CA SER A 776 -2.13 -7.67 21.50
C SER A 776 -1.05 -6.98 20.70
N LEU A 777 0.09 -6.71 21.32
CA LEU A 777 1.22 -6.12 20.65
C LEU A 777 1.77 -7.03 19.53
N GLU A 778 1.58 -8.34 19.70
CA GLU A 778 2.11 -9.33 18.76
C GLU A 778 1.19 -9.48 17.55
N ASN A 779 0.06 -8.78 17.56
CA ASN A 779 -0.83 -8.72 16.39
C ASN A 779 -0.58 -7.45 15.56
N PRO A 780 -0.12 -7.59 14.31
CA PRO A 780 0.22 -6.38 13.56
C PRO A 780 -0.93 -5.41 13.36
N ASN A 781 -2.15 -5.90 13.14
CA ASN A 781 -3.27 -4.99 12.99
C ASN A 781 -3.46 -4.11 14.24
N LYS A 782 -3.38 -4.75 15.41
CA LYS A 782 -3.52 -4.02 16.66
C LYS A 782 -2.35 -3.06 16.87
N ALA A 783 -1.12 -3.52 16.66
CA ALA A 783 0.04 -2.68 16.89
C ALA A 783 0.01 -1.45 15.97
N ARG A 784 -0.32 -1.65 14.70
CA ARG A 784 -0.44 -0.56 13.74
C ARG A 784 -1.56 0.38 14.16
N SER A 785 -2.70 -0.16 14.57
CA SER A 785 -3.81 0.71 14.90
C SER A 785 -3.52 1.64 16.09
N LEU A 786 -2.98 1.09 17.16
CA LEU A 786 -2.75 1.88 18.36
C LEU A 786 -1.45 2.67 18.27
N ILE A 787 -0.36 1.93 18.12
CA ILE A 787 0.98 2.53 18.18
CA ILE A 787 0.98 2.52 18.20
C ILE A 787 1.32 3.24 16.88
N GLY A 788 1.03 2.61 15.74
CA GLY A 788 1.18 3.33 14.48
C GLY A 788 0.43 4.65 14.43
N SER A 789 -0.83 4.64 14.84
CA SER A 789 -1.62 5.89 14.87
C SER A 789 -0.98 6.93 15.78
N PHE A 790 -0.48 6.50 16.93
CA PHE A 790 0.13 7.45 17.83
C PHE A 790 1.35 8.07 17.17
N SER A 791 2.15 7.25 16.49
CA SER A 791 3.38 7.74 15.82
C SER A 791 3.12 8.77 14.73
N ARG A 792 1.89 8.81 14.21
CA ARG A 792 1.46 9.75 13.17
C ARG A 792 0.62 10.89 13.77
N ASN A 793 0.46 10.88 15.08
CA ASN A 793 -0.35 11.85 15.79
C ASN A 793 0.53 13.07 16.09
N VAL A 794 0.49 14.06 15.21
CA VAL A 794 1.53 15.11 15.22
C VAL A 794 1.77 15.79 16.57
N PRO A 795 0.73 16.29 17.27
CA PRO A 795 1.01 17.00 18.52
C PRO A 795 1.56 16.13 19.67
N HIS A 796 1.29 14.83 19.58
CA HIS A 796 1.70 13.90 20.63
C HIS A 796 3.04 13.26 20.31
N PHE A 797 3.20 12.76 19.07
CA PHE A 797 4.47 12.18 18.68
C PHE A 797 5.58 13.22 18.81
N HIS A 798 5.30 14.44 18.36
CA HIS A 798 6.28 15.53 18.34
C HIS A 798 6.16 16.46 19.57
N ALA A 799 5.57 15.97 20.66
CA ALA A 799 5.56 16.73 21.91
C ALA A 799 6.93 17.24 22.25
N GLU A 800 6.98 18.50 22.69
CA GLU A 800 8.24 19.17 22.98
C GLU A 800 9.07 18.48 24.05
N ASP A 801 8.42 17.85 25.04
CA ASP A 801 9.15 17.17 26.08
C ASP A 801 9.77 15.84 25.64
N GLY A 802 9.53 15.41 24.40
CA GLY A 802 10.09 14.18 23.88
C GLY A 802 9.39 12.91 24.32
N SER A 803 8.27 13.02 25.03
CA SER A 803 7.57 11.83 25.53
C SER A 803 7.09 10.94 24.39
N GLY A 804 6.73 11.54 23.26
CA GLY A 804 6.25 10.77 22.11
C GLY A 804 7.40 9.97 21.51
N TYR A 805 8.56 10.62 21.38
CA TYR A 805 9.73 9.96 20.80
C TYR A 805 10.16 8.80 21.69
N ARG A 806 10.19 9.02 23.01
CA ARG A 806 10.63 7.97 23.92
C ARG A 806 9.68 6.80 23.87
N PHE A 807 8.38 7.09 23.84
CA PHE A 807 7.38 6.04 23.79
C PHE A 807 7.54 5.18 22.53
N ILE A 808 7.62 5.83 21.37
CA ILE A 808 7.71 5.08 20.10
C ILE A 808 9.03 4.34 20.07
N ALA A 809 10.12 4.94 20.57
CA ALA A 809 11.41 4.23 20.55
C ALA A 809 11.34 2.97 21.43
N ASP A 810 10.74 3.08 22.61
CA ASP A 810 10.46 1.96 23.48
C ASP A 810 9.73 0.85 22.72
N LYS A 811 8.72 1.21 21.93
CA LYS A 811 7.92 0.18 21.28
C LYS A 811 8.63 -0.43 20.09
N VAL A 812 9.44 0.35 19.37
CA VAL A 812 10.30 -0.22 18.32
C VAL A 812 11.20 -1.31 18.94
N ILE A 813 11.84 -0.96 20.06
CA ILE A 813 12.71 -1.91 20.78
C ILE A 813 11.97 -3.18 21.20
N GLU A 814 10.79 -3.02 21.79
CA GLU A 814 10.00 -4.17 22.22
C GLU A 814 9.49 -5.03 21.06
N ILE A 815 8.93 -4.39 20.04
CA ILE A 815 8.35 -5.14 18.92
C ILE A 815 9.47 -5.84 18.14
N ASP A 816 10.63 -5.20 18.04
CA ASP A 816 11.70 -5.80 17.25
C ASP A 816 12.14 -7.14 17.82
N ARG A 817 11.86 -7.40 19.09
CA ARG A 817 12.23 -8.65 19.69
C ARG A 817 11.46 -9.84 19.10
N PHE A 818 10.32 -9.60 18.47
CA PHE A 818 9.56 -10.70 17.89
C PHE A 818 9.07 -10.45 16.47
N ASN A 819 8.98 -9.20 16.02
CA ASN A 819 8.55 -8.91 14.64
C ASN A 819 9.28 -7.70 14.04
N PRO A 820 10.45 -7.96 13.47
CA PRO A 820 11.29 -6.88 12.93
C PRO A 820 10.58 -6.08 11.82
N GLN A 821 9.70 -6.72 11.06
CA GLN A 821 8.99 -6.01 9.98
C GLN A 821 8.09 -4.90 10.49
N VAL A 822 7.36 -5.18 11.58
CA VAL A 822 6.47 -4.20 12.11
C VAL A 822 7.36 -3.11 12.75
N ALA A 823 8.43 -3.52 13.42
CA ALA A 823 9.29 -2.55 14.10
C ALA A 823 9.97 -1.61 13.10
N ALA A 824 10.43 -2.16 11.97
CA ALA A 824 11.12 -1.34 10.95
C ALA A 824 10.19 -0.37 10.19
N ARG A 825 8.91 -0.69 10.06
CA ARG A 825 7.92 0.29 9.59
C ARG A 825 7.70 1.39 10.64
N LEU A 826 7.54 0.98 11.90
CA LEU A 826 7.26 1.93 12.97
C LEU A 826 8.38 2.93 13.15
N VAL A 827 9.64 2.48 13.04
CA VAL A 827 10.78 3.35 13.32
C VAL A 827 10.92 4.46 12.29
N GLN A 828 10.25 4.29 11.15
CA GLN A 828 10.26 5.34 10.13
C GLN A 828 9.43 6.55 10.50
N ALA A 829 8.73 6.47 11.64
CA ALA A 829 8.13 7.67 12.25
C ALA A 829 9.21 8.74 12.50
N PHE A 830 10.44 8.31 12.63
CA PHE A 830 11.56 9.20 12.92
C PHE A 830 12.26 9.77 11.66
N ASN A 831 11.74 9.44 10.48
CA ASN A 831 12.42 9.84 9.24
C ASN A 831 12.58 11.37 9.06
N LEU A 832 11.79 12.17 9.74
CA LEU A 832 11.91 13.62 9.62
C LEU A 832 13.09 14.22 10.39
N CYS A 833 13.78 13.39 11.15
CA CYS A 833 14.86 13.78 12.07
C CYS A 833 15.70 14.98 11.65
N ASN A 834 16.35 14.90 10.49
CA ASN A 834 17.37 15.84 10.13
C ASN A 834 16.74 17.16 9.66
N LYS A 835 15.41 17.17 9.47
CA LYS A 835 14.68 18.37 9.08
C LYS A 835 13.97 19.06 10.27
N LEU A 836 14.06 18.51 11.46
CA LEU A 836 13.45 19.11 12.66
C LEU A 836 14.26 20.25 13.24
N GLU A 837 13.56 21.15 13.94
CA GLU A 837 14.21 22.19 14.72
C GLU A 837 15.11 21.54 15.77
N PRO A 838 16.10 22.29 16.27
CA PRO A 838 17.17 21.61 17.01
C PRO A 838 16.76 20.84 18.26
N HIS A 839 15.80 21.33 19.04
CA HIS A 839 15.42 20.66 20.27
C HIS A 839 14.86 19.28 19.99
N ARG A 840 13.91 19.20 19.07
CA ARG A 840 13.34 17.92 18.72
C ARG A 840 14.35 17.04 18.01
N LYS A 841 15.17 17.63 17.16
CA LYS A 841 16.17 16.85 16.45
C LYS A 841 17.07 16.13 17.45
N ASN A 842 17.47 16.84 18.49
CA ASN A 842 18.33 16.28 19.50
C ASN A 842 17.69 15.08 20.19
N LEU A 843 16.43 15.22 20.52
CA LEU A 843 15.68 14.14 21.16
C LEU A 843 15.46 12.93 20.24
N VAL A 844 15.17 13.19 18.97
CA VAL A 844 14.99 12.10 18.00
C VAL A 844 16.32 11.35 17.83
N LYS A 845 17.44 12.07 17.77
CA LYS A 845 18.73 11.40 17.61
C LYS A 845 19.04 10.55 18.87
N GLN A 846 18.71 11.05 20.05
CA GLN A 846 18.85 10.24 21.27
C GLN A 846 18.05 8.94 21.19
N ALA A 847 16.82 9.06 20.73
CA ALA A 847 15.90 7.93 20.59
C ALA A 847 16.47 6.90 19.61
N LEU A 848 16.96 7.38 18.47
CA LEU A 848 17.55 6.50 17.46
C LEU A 848 18.85 5.84 17.97
N GLN A 849 19.69 6.59 18.68
CA GLN A 849 20.92 5.99 19.21
C GLN A 849 20.60 4.91 20.23
N ARG A 850 19.54 5.12 21.02
CA ARG A 850 19.11 4.11 22.01
C ARG A 850 18.63 2.84 21.31
N ILE A 851 17.87 2.99 20.24
CA ILE A 851 17.47 1.83 19.42
C ILE A 851 18.72 1.09 18.91
N ARG A 852 19.64 1.84 18.32
CA ARG A 852 20.89 1.27 17.79
C ARG A 852 21.69 0.52 18.84
N ALA A 853 21.61 0.96 20.09
CA ALA A 853 22.41 0.37 21.16
C ALA A 853 21.84 -0.95 21.69
N GLN A 854 20.66 -1.34 21.22
CA GLN A 854 20.10 -2.64 21.55
C GLN A 854 20.87 -3.82 21.06
N GLU A 855 21.26 -4.70 21.96
CA GLU A 855 21.84 -5.96 21.57
C GLU A 855 20.81 -6.74 20.78
N GLY A 856 21.24 -7.32 19.68
CA GLY A 856 20.39 -8.22 18.90
C GLY A 856 19.37 -7.48 18.03
N LEU A 857 19.57 -6.18 17.84
CA LEU A 857 18.69 -5.38 16.98
C LEU A 857 18.65 -6.00 15.60
N SER A 858 17.47 -6.13 15.01
CA SER A 858 17.34 -6.77 13.70
C SER A 858 18.08 -5.99 12.60
N LYS A 859 18.45 -6.69 11.53
CA LYS A 859 18.94 -6.07 10.32
C LYS A 859 17.88 -5.12 9.75
N ASP A 860 16.60 -5.50 9.90
CA ASP A 860 15.51 -4.67 9.38
C ASP A 860 15.57 -3.24 9.98
N VAL A 861 15.54 -3.18 11.30
CA VAL A 861 15.52 -1.88 11.97
C VAL A 861 16.88 -1.20 11.85
N GLY A 862 17.96 -1.95 11.95
CA GLY A 862 19.28 -1.37 11.82
C GLY A 862 19.51 -0.68 10.49
N GLU A 863 18.96 -1.24 9.42
CA GLU A 863 19.15 -0.62 8.11
C GLU A 863 18.47 0.74 8.09
N ILE A 864 17.27 0.83 8.64
CA ILE A 864 16.55 2.09 8.62
C ILE A 864 17.25 3.12 9.53
N VAL A 865 17.62 2.71 10.74
CA VAL A 865 18.21 3.64 11.70
C VAL A 865 19.50 4.20 11.09
N GLY A 866 20.29 3.35 10.44
CA GLY A 866 21.52 3.78 9.78
C GLY A 866 21.28 4.84 8.72
N LYS A 867 20.21 4.71 7.95
CA LYS A 867 19.91 5.71 6.93
C LYS A 867 19.54 7.04 7.54
N ILE A 868 18.84 7.02 8.68
CA ILE A 868 18.47 8.26 9.32
C ILE A 868 19.68 8.90 10.02
N LEU A 869 20.40 8.15 10.85
CA LEU A 869 21.52 8.68 11.64
C LEU A 869 22.80 8.96 10.91
N ASP A 870 23.17 8.09 10.00
CA ASP A 870 24.52 8.13 9.45
C ASP A 870 24.59 8.88 8.12
P11 32Q B . 1.00 -7.72 -2.13
C1 32Q B . 3.11 -8.39 -0.48
C3 32Q B . 2.19 -8.92 -1.56
C6 32Q B . 4.12 -9.40 0.08
C8 32Q B . 4.24 -9.60 1.56
N10 32Q B . 2.95 -9.41 -2.79
C11 32Q B . 0.03 -7.15 -0.75
O12 32Q B . 0.22 -8.38 -3.26
C13 32Q B . -0.45 -5.68 -0.79
O13 32Q B . 1.75 -6.57 -2.69
C15 32Q B . -0.87 -5.15 0.63
C16 32Q B . -1.65 -5.53 -1.65
C17 32Q B . 3.16 -9.98 2.36
C18 32Q B . -1.99 -4.17 -2.20
C19 32Q B . 3.27 -10.21 3.77
C20 32Q B . 4.50 -10.04 4.39
C21 32Q B . 5.60 -9.66 3.61
C22 32Q B . 5.47 -9.43 2.22
C23 32Q B . -2.95 -0.21 -3.89
O23 32Q B . -1.97 -4.54 0.76
O24 32Q B . -0.06 -5.41 1.54
N24 32Q B . -4.28 -0.03 -4.44
C36 32Q B . -1.05 -3.14 -2.27
C37 32Q B . -1.38 -1.89 -2.81
C38 32Q B . -2.67 -1.61 -3.31
C39 32Q B . -3.59 -2.64 -3.24
C40 32Q B . -3.25 -3.87 -2.70
H11 32Q B . 2.53 -7.99 0.37
H12 32Q B . 3.69 -7.54 -0.89
H31 32Q B . 1.67 -9.80 -1.10
H61 32Q B . 5.12 -9.16 -0.36
H62 32Q B . 3.93 -10.38 -0.43
H101 32Q B . 3.94 -9.16 -2.76
H102 32Q B . 2.90 -10.42 -2.89
H111 32Q B . -0.90 -7.74 -0.56
H112 32Q B . 0.53 -7.31 0.23
H131 32Q B . 0.37 -5.11 -1.26
H132 32Q B . 2.46 -6.73 -3.31
H161 32Q B . -2.53 -5.93 -1.09
H162 32Q B . -1.59 -6.30 -2.45
H171 32Q B . 2.17 -10.14 1.93
H191 32Q B . 2.40 -10.51 4.37
H201 32Q B . 4.60 -10.19 5.47
H211 32Q B . 6.56 -9.52 4.12
H221 32Q B . 6.37 -9.15 1.67
H231 32Q B . -2.79 0.64 -3.17
H232 32Q B . -2.22 0.09 -4.67
H241 32Q B . -4.78 0.73 -3.98
H242 32Q B . -4.26 0.18 -5.43
H361 32Q B . -0.04 -3.34 -1.89
H371 32Q B . -0.64 -1.08 -2.86
H391 32Q B . -4.63 -2.53 -3.61
H401 32Q B . -4.05 -4.64 -2.70
P11 32R C . -4.13 -28.03 -15.10
C1 32R C . -6.46 -26.65 -15.93
C3 32R C . -5.51 -27.82 -16.33
C6 32R C . -7.43 -26.18 -17.06
C8 32R C . -8.34 -25.02 -16.64
N10 32R C . -6.30 -29.09 -16.33
C11 32R C . -3.08 -26.59 -15.21
O12 32R C . -3.41 -29.33 -15.49
C13 32R C . -1.81 -26.76 -16.13
O13 32R C . -4.74 -28.13 -13.64
C15 32R C . -2.20 -26.94 -17.57
C16 32R C . -1.08 -25.46 -16.06
C17 32R C . -8.08 -23.70 -16.92
C18 32R C . 0.28 -25.32 -16.75
C19 32R C . -8.98 -22.66 -16.50
C20 32R C . -10.13 -22.97 -15.80
C21 32R C . -10.38 -24.33 -15.50
C22 32R C . -9.52 -25.35 -15.91
C23 32R C . 4.12 -24.73 -18.79
O23 32R C . -3.13 -26.15 -18.04
O24 32R C . -1.62 -27.80 -18.31
N24 32R C . 3.91 -23.97 -20.11
C36 32R C . 0.40 -24.43 -17.86
C37 32R C . 1.67 -24.23 -18.51
C38 32R C . 2.80 -24.94 -18.05
C39 32R C . 2.69 -25.80 -16.98
C40 32R C . 1.38 -25.98 -16.32
H11 32R C . -5.85 -25.83 -15.67
H12 32R C . -7.05 -26.91 -15.07
H31 32R C . -5.14 -27.63 -17.34
H61 32R C . -6.82 -25.91 -17.92
H62 32R C . -7.94 -27.08 -17.44
H101 32R C . -5.87 -29.71 -16.99
H102 32R C . -6.19 -29.55 -15.42
H111 32R C . -3.60 -25.68 -15.59
H112 32R C . -2.70 -26.22 -14.25
H131 32R C . -1.19 -27.49 -15.74
H161 32R C . -1.03 -25.17 -14.99
H162 32R C . -1.76 -24.69 -16.42
H171 32R C . -7.24 -23.33 -17.47
H191 32R C . -8.72 -21.65 -16.77
H201 32R C . -10.84 -22.26 -15.44
H211 32R C . -11.29 -24.49 -14.95
H221 32R C . -9.73 -26.35 -15.68
H231 32R C . 4.64 -25.66 -19.06
H232 32R C . 4.93 -24.16 -18.27
H241 32R C . 4.45 -23.14 -20.12
H242 32R C . 4.14 -24.56 -20.87
H361 32R C . -0.46 -23.90 -18.17
H371 32R C . 1.78 -23.58 -19.34
H391 32R C . 3.45 -26.37 -16.57
H401 32R C . 1.44 -26.66 -15.53
H1 32R C . -4.58 -27.47 -12.99
N1 IMD D . 9.16 -36.81 1.41
C2 IMD D . 8.11 -37.72 1.30
N3 IMD D . 7.21 -37.23 0.38
C4 IMD D . 7.68 -36.03 -0.08
C5 IMD D . 8.91 -35.76 0.57
HN1 IMD D . 9.93 -36.91 2.00
H2 IMD D . 8.03 -38.56 1.79
HN3 IMD D . 6.38 -37.67 0.11
H4 IMD D . 7.24 -35.46 -0.74
H5 IMD D . 9.48 -34.98 0.44
C1 GOL E . -21.66 -17.57 -14.79
O1 GOL E . -21.13 -17.46 -16.10
C2 GOL E . -20.59 -18.00 -13.78
O2 GOL E . -19.42 -17.15 -13.92
C3 GOL E . -21.20 -18.03 -12.36
O3 GOL E . -21.68 -16.78 -11.92
H11 GOL E . -22.48 -18.30 -14.78
H12 GOL E . -22.08 -16.60 -14.49
HO1 GOL E . -21.84 -17.26 -16.73
H2 GOL E . -20.31 -19.03 -14.03
HO2 GOL E . -19.65 -16.24 -13.68
H31 GOL E . -20.44 -18.39 -11.66
H32 GOL E . -22.02 -18.75 -12.35
HO3 GOL E . -20.98 -16.10 -12.03
C1 GOL F . -7.88 38.03 1.13
O1 GOL F . -7.87 36.78 0.44
C2 GOL F . -7.72 37.73 2.61
O2 GOL F . -8.71 38.40 3.34
C3 GOL F . -6.33 38.13 3.12
O3 GOL F . -6.12 37.40 4.32
H11 GOL F . -8.83 38.53 0.95
H12 GOL F . -7.07 38.65 0.78
HO1 GOL F . -8.04 36.94 -0.51
H2 GOL F . -7.83 36.66 2.75
HO2 GOL F . -8.65 38.16 4.29
H31 GOL F . -6.30 39.20 3.33
H32 GOL F . -5.57 37.88 2.39
HO3 GOL F . -5.55 37.92 4.92
C1 GOL G . -28.45 22.31 23.31
O1 GOL G . -27.68 23.34 22.72
C2 GOL G . -27.70 20.97 23.30
O2 GOL G . -28.10 20.23 24.44
C3 GOL G . -26.18 21.06 23.28
O3 GOL G . -25.67 19.74 23.07
H11 GOL G . -29.38 22.21 22.77
H12 GOL G . -28.68 22.58 24.35
HO1 GOL G . -28.21 24.17 22.69
H2 GOL G . -28.01 20.43 22.40
HO2 GOL G . -27.71 19.34 24.40
H31 GOL G . -25.82 21.44 24.23
H32 GOL G . -25.85 21.72 22.48
HO3 GOL G . -25.28 19.68 22.18
C1 GOL H . -6.45 -29.16 -19.63
O1 GOL H . -6.39 -28.01 -20.45
C2 GOL H . -7.91 -29.50 -19.37
O2 GOL H . -8.42 -30.26 -20.42
C3 GOL H . -8.17 -30.24 -18.07
O3 GOL H . -9.21 -31.16 -18.27
H11 GOL H . -5.93 -28.97 -18.68
H12 GOL H . -5.95 -30.00 -20.13
HO1 GOL H . -5.46 -27.74 -20.58
H2 GOL H . -8.46 -28.55 -19.33
HO2 GOL H . -7.98 -31.14 -20.44
H31 GOL H . -8.43 -29.54 -17.27
H32 GOL H . -7.27 -30.77 -17.76
HO3 GOL H . -9.35 -31.69 -17.44
ZN ZN I . 1.17 -7.07 -4.77
S SO4 J . 26.62 9.58 -8.21
O1 SO4 J . 26.29 9.91 -6.80
O2 SO4 J . 26.05 8.30 -8.64
O3 SO4 J . 28.11 9.56 -8.30
O4 SO4 J . 26.08 10.64 -9.08
S SO4 K . -26.10 13.60 12.11
O1 SO4 K . -26.22 12.19 12.56
O2 SO4 K . -26.60 13.75 10.75
O3 SO4 K . -24.70 14.02 12.26
O4 SO4 K . -26.92 14.45 12.97
S SO4 L . 9.92 -10.55 -30.52
O1 SO4 L . 9.99 -11.13 -29.18
O2 SO4 L . 8.64 -10.92 -31.15
O3 SO4 L . 11.05 -11.10 -31.26
O4 SO4 L . 9.99 -9.09 -30.53
S SO4 M . -8.62 16.38 9.51
O1 SO4 M . -9.90 17.01 9.88
O2 SO4 M . -8.77 14.92 9.68
O3 SO4 M . -7.57 16.85 10.41
O4 SO4 M . -8.32 16.67 8.10
S SO4 N . -27.30 -3.59 17.13
O1 SO4 N . -26.24 -4.30 17.88
O2 SO4 N . -28.49 -4.46 17.02
O3 SO4 N . -26.81 -3.24 15.78
O4 SO4 N . -27.67 -2.35 17.87
S SO4 O . 2.20 27.76 -4.20
O1 SO4 O . 2.13 26.46 -3.51
O2 SO4 O . 1.85 27.58 -5.60
O3 SO4 O . 1.29 28.72 -3.62
O4 SO4 O . 3.57 28.25 -4.08
S SO4 P . -22.24 -4.87 -10.39
O1 SO4 P . -23.30 -5.88 -10.31
O2 SO4 P . -21.27 -5.27 -11.41
O3 SO4 P . -21.61 -4.78 -9.06
O4 SO4 P . -22.80 -3.57 -10.74
S SO4 Q . -12.13 26.73 -32.44
O1 SO4 Q . -12.80 25.85 -31.47
O2 SO4 Q . -13.12 27.26 -33.37
O3 SO4 Q . -11.47 27.84 -31.72
O4 SO4 Q . -11.13 25.97 -33.20
S SO4 R . -30.77 9.36 8.26
O1 SO4 R . -31.60 9.70 7.09
O2 SO4 R . -31.59 8.66 9.25
O3 SO4 R . -30.25 10.61 8.84
O4 SO4 R . -29.63 8.51 7.88
S SO4 S . 21.90 16.11 11.13
O1 SO4 S . 22.18 15.77 12.48
O2 SO4 S . 20.62 15.52 10.72
O3 SO4 S . 22.91 15.48 10.37
O4 SO4 S . 21.68 17.52 10.95
#